data_4S1G
#
_entry.id   4S1G
#
_cell.length_a   141.630
_cell.length_b   141.630
_cell.length_c   141.630
_cell.angle_alpha   90.000
_cell.angle_beta   90.000
_cell.angle_gamma   90.000
#
_symmetry.space_group_name_H-M   'P 21 3'
#
loop_
_entity.id
_entity.type
_entity.pdbx_description
1 polymer Renin
2 non-polymer 2-acetamido-2-deoxy-beta-D-glucopyranose
3 non-polymer 3-{[(4S)-2-amino-4-methyl-6-oxo-4-(propan-2-yl)-5,6-dihydropyrimidin-1(4H)-yl]methyl}-5-fluoro-N-[(1S)-1-phenylethyl]benzamide
4 water water
#
_entity_poly.entity_id   1
_entity_poly.type   'polypeptide(L)'
_entity_poly.pdbx_seq_one_letter_code
;LTLGNTTSSVILTNYMDTQYYGEIGIGTPPQTFKVVFDTGSSNVWVPSSKCSRLYTACVYHKLFDASDSSSYKHNGTELT
LRYSTGTVSGFLSQDIITVGGITVTQMFGEVTEMPALPFMLAEFDGVVGMGFIEQAIGRVTPIFDNIISQGVLKEDVFSF
YYNRDSENSQSLGGQIVLGGSDPQHYEGNFHYINLIKTGVWQIQMKGVSVGSSTLLCEDGCLALVDTGASYISGSTSSIE
KLMEALGAKKRLFDYVVKCNEGPTLPDISFHLGGKEYTLTSADYVFQESYSSKKLCTLAIHAMDIPPPTGPTWALGATFI
RKFYTEFDRRNNRIGFALAR
;
_entity_poly.pdbx_strand_id   A,B
#
loop_
_chem_comp.id
_chem_comp.type
_chem_comp.name
_chem_comp.formula
43T non-polymer 3-{[(4S)-2-amino-4-methyl-6-oxo-4-(propan-2-yl)-5,6-dihydropyrimidin-1(4H)-yl]methyl}-5-fluoro-N-[(1S)-1-phenylethyl]benzamide 'C24 H29 F N4 O2'
NAG D-saccharide, beta linking 2-acetamido-2-deoxy-beta-D-glucopyranose 'C8 H15 N O6'
#
# COMPACT_ATOMS: atom_id res chain seq x y z
N THR A 2 -36.65 -7.12 -1.75
CA THR A 2 -36.91 -5.95 -2.59
C THR A 2 -35.64 -5.11 -2.77
N LEU A 3 -35.35 -4.72 -4.02
CA LEU A 3 -34.16 -3.93 -4.38
C LEU A 3 -34.55 -2.58 -4.99
N GLY A 4 -33.87 -1.53 -4.52
CA GLY A 4 -34.07 -0.16 -4.98
C GLY A 4 -32.96 0.28 -5.91
N ASN A 5 -32.58 1.56 -5.83
CA ASN A 5 -31.49 2.10 -6.64
C ASN A 5 -30.44 2.85 -5.82
N THR A 6 -30.58 2.88 -4.48
CA THR A 6 -29.71 3.59 -3.55
C THR A 6 -28.43 2.80 -3.20
N THR A 7 -27.37 3.56 -3.03
CA THR A 7 -26.04 3.19 -2.62
C THR A 7 -25.69 4.27 -1.60
N SER A 8 -25.27 3.87 -0.39
CA SER A 8 -24.94 4.83 0.67
C SER A 8 -23.49 4.60 1.13
N SER A 9 -22.71 5.65 1.19
CA SER A 9 -21.34 5.50 1.61
C SER A 9 -21.07 6.17 2.95
N VAL A 10 -20.18 5.58 3.74
CA VAL A 10 -19.80 6.14 5.02
C VAL A 10 -18.27 6.28 4.98
N ILE A 11 -17.75 7.49 5.24
CA ILE A 11 -16.31 7.78 5.26
C ILE A 11 -15.79 7.29 6.62
N LEU A 12 -14.65 6.61 6.60
CA LEU A 12 -14.03 6.11 7.82
C LEU A 12 -12.75 6.85 8.16
N THR A 13 -12.44 6.91 9.44
CA THR A 13 -11.19 7.49 9.95
C THR A 13 -10.31 6.29 10.23
N ASN A 14 -9.05 6.38 9.84
CA ASN A 14 -8.06 5.37 10.11
C ASN A 14 -7.21 5.86 11.30
N TYR A 15 -7.31 5.17 12.43
CA TYR A 15 -6.46 5.44 13.58
C TYR A 15 -5.33 4.41 13.63
N MET A 16 -4.08 4.86 13.32
CA MET A 16 -2.84 4.08 13.42
C MET A 16 -2.86 2.75 12.66
N ASP A 17 -3.67 2.60 11.61
CA ASP A 17 -3.80 1.34 10.85
C ASP A 17 -4.39 0.17 11.67
N THR A 18 -4.92 0.46 12.88
CA THR A 18 -5.51 -0.59 13.73
C THR A 18 -6.99 -0.38 13.97
N GLN A 19 -7.51 0.86 13.84
CA GLN A 19 -8.94 1.11 14.10
C GLN A 19 -9.51 1.93 12.97
N TYR A 20 -10.60 1.44 12.35
CA TYR A 20 -11.27 2.12 11.23
C TYR A 20 -12.70 2.32 11.67
N TYR A 21 -13.11 3.58 11.78
CA TYR A 21 -14.43 3.90 12.31
C TYR A 21 -15.09 5.04 11.58
N GLY A 22 -16.40 5.06 11.60
CA GLY A 22 -17.18 6.11 10.96
C GLY A 22 -18.23 6.57 11.93
N GLU A 23 -19.05 7.50 11.50
CA GLU A 23 -20.08 8.08 12.35
C GLU A 23 -21.47 7.55 12.09
N ILE A 24 -22.28 7.51 13.15
CA ILE A 24 -23.73 7.25 13.10
C ILE A 24 -24.38 8.26 14.06
N GLY A 25 -25.65 8.55 13.83
CA GLY A 25 -26.45 9.43 14.66
C GLY A 25 -27.55 8.60 15.29
N ILE A 26 -27.74 8.68 16.59
CA ILE A 26 -28.80 7.92 17.27
C ILE A 26 -29.75 8.90 18.00
N GLY A 27 -31.05 8.73 17.77
CA GLY A 27 -32.07 9.53 18.46
C GLY A 27 -32.51 10.82 17.80
N THR A 28 -33.42 11.52 18.50
CA THR A 28 -33.99 12.83 18.11
C THR A 28 -33.81 13.85 19.25
N PRO A 29 -32.95 14.89 19.11
CA PRO A 29 -32.02 15.17 18.00
C PRO A 29 -30.89 14.12 17.97
N PRO A 30 -30.23 13.86 16.83
CA PRO A 30 -29.18 12.83 16.82
C PRO A 30 -28.00 13.08 17.77
N GLN A 31 -27.58 11.99 18.43
CA GLN A 31 -26.40 11.93 19.29
C GLN A 31 -25.44 11.11 18.44
N THR A 32 -24.26 11.65 18.14
CA THR A 32 -23.29 11.02 17.24
C THR A 32 -22.27 10.14 17.95
N PHE A 33 -21.87 9.05 17.29
CA PHE A 33 -20.93 8.08 17.85
C PHE A 33 -19.98 7.70 16.79
N LYS A 34 -18.71 7.41 17.18
CA LYS A 34 -17.67 6.85 16.32
C LYS A 34 -17.83 5.33 16.48
N VAL A 35 -18.03 4.61 15.38
CA VAL A 35 -18.28 3.16 15.45
C VAL A 35 -17.45 2.36 14.47
N VAL A 36 -17.05 1.14 14.89
CA VAL A 36 -16.39 0.19 13.99
C VAL A 36 -17.54 -0.58 13.30
N PHE A 37 -17.47 -0.71 11.96
CA PHE A 37 -18.44 -1.47 11.15
C PHE A 37 -17.79 -2.83 11.06
N ASP A 38 -18.35 -3.77 11.79
CA ASP A 38 -17.75 -5.05 12.11
C ASP A 38 -18.42 -6.32 11.54
N THR A 39 -17.75 -7.00 10.58
CA THR A 39 -18.31 -8.26 10.04
C THR A 39 -18.12 -9.43 11.02
N GLY A 40 -17.29 -9.25 12.04
CA GLY A 40 -17.07 -10.24 13.09
C GLY A 40 -18.10 -10.29 14.20
N SER A 41 -19.12 -9.42 14.17
CA SER A 41 -20.18 -9.45 15.21
C SER A 41 -21.48 -9.02 14.58
N SER A 42 -22.62 -9.22 15.29
CA SER A 42 -23.92 -8.93 14.72
C SER A 42 -24.80 -7.95 15.50
N ASN A 43 -24.28 -7.36 16.58
CA ASN A 43 -25.07 -6.41 17.36
C ASN A 43 -24.58 -4.99 17.21
N VAL A 44 -25.49 -4.03 17.36
CA VAL A 44 -25.16 -2.62 17.43
C VAL A 44 -25.10 -2.29 18.93
N TRP A 45 -24.05 -1.59 19.37
CA TRP A 45 -23.99 -1.09 20.74
C TRP A 45 -23.20 0.19 20.82
N VAL A 46 -23.54 1.03 21.79
CA VAL A 46 -22.79 2.26 22.09
C VAL A 46 -22.70 2.36 23.61
N PRO A 47 -21.75 3.12 24.21
CA PRO A 47 -21.78 3.30 25.67
C PRO A 47 -23.04 4.06 26.09
N SER A 48 -23.54 3.78 27.29
CA SER A 48 -24.77 4.35 27.81
C SER A 48 -24.48 5.45 28.86
N SER A 49 -25.42 6.41 29.02
CA SER A 49 -25.33 7.45 30.07
C SER A 49 -25.51 6.77 31.44
N LYS A 50 -26.07 5.55 31.44
CA LYS A 50 -26.26 4.75 32.65
C LYS A 50 -24.99 3.95 33.02
N CYS A 51 -23.88 4.12 32.25
CA CYS A 51 -22.60 3.45 32.56
C CYS A 51 -21.96 4.17 33.76
N SER A 52 -21.72 3.48 34.88
CA SER A 52 -21.04 4.08 36.04
C SER A 52 -19.71 4.66 35.61
N ARG A 53 -19.42 5.90 36.07
CA ARG A 53 -18.17 6.60 35.77
C ARG A 53 -16.97 6.02 36.53
N LEU A 54 -17.21 4.89 37.27
CA LEU A 54 -16.16 4.10 37.87
C LEU A 54 -15.52 3.25 36.75
N TYR A 55 -16.24 3.03 35.57
CA TYR A 55 -15.64 2.40 34.39
C TYR A 55 -15.06 3.60 33.68
N THR A 56 -13.72 3.76 33.74
CA THR A 56 -13.04 4.90 33.12
C THR A 56 -13.28 5.00 31.62
N ALA A 57 -13.48 3.87 30.91
CA ALA A 57 -13.75 3.91 29.46
C ALA A 57 -15.02 4.74 29.17
N CYS A 58 -15.96 4.77 30.10
CA CYS A 58 -17.17 5.55 29.96
C CYS A 58 -16.96 7.06 30.19
N VAL A 59 -15.89 7.45 30.89
CA VAL A 59 -15.54 8.85 31.11
C VAL A 59 -15.01 9.45 29.80
N TYR A 60 -14.21 8.66 29.06
CA TYR A 60 -13.51 9.08 27.84
C TYR A 60 -14.21 8.73 26.53
N HIS A 61 -15.46 8.29 26.59
CA HIS A 61 -16.24 8.03 25.39
C HIS A 61 -17.58 8.78 25.43
N LYS A 62 -18.22 8.93 24.26
CA LYS A 62 -19.55 9.51 24.08
C LYS A 62 -20.56 8.48 24.61
N LEU A 63 -21.53 8.94 25.43
CA LEU A 63 -22.52 8.09 26.08
C LEU A 63 -23.91 8.42 25.55
N PHE A 64 -24.70 7.39 25.24
CA PHE A 64 -26.07 7.60 24.75
C PHE A 64 -26.97 7.93 25.91
N ASP A 65 -27.69 9.06 25.79
CA ASP A 65 -28.63 9.48 26.82
C ASP A 65 -30.06 9.40 26.27
N ALA A 66 -30.79 8.35 26.65
CA ALA A 66 -32.18 8.10 26.21
C ALA A 66 -33.12 9.25 26.63
N SER A 67 -32.83 9.89 27.79
CA SER A 67 -33.59 11.02 28.36
C SER A 67 -33.52 12.28 27.48
N ASP A 68 -32.64 12.29 26.45
CA ASP A 68 -32.53 13.43 25.54
C ASP A 68 -33.10 13.10 24.16
N SER A 69 -33.63 11.89 23.98
CA SER A 69 -34.19 11.47 22.69
C SER A 69 -35.70 11.26 22.76
N SER A 70 -36.44 11.99 21.87
CA SER A 70 -37.91 11.94 21.80
C SER A 70 -38.41 10.73 21.01
N SER A 71 -37.53 10.11 20.18
CA SER A 71 -37.85 8.94 19.37
C SER A 71 -37.44 7.60 20.05
N TYR A 72 -36.82 7.66 21.24
CA TYR A 72 -36.41 6.48 21.98
C TYR A 72 -37.62 5.61 22.38
N LYS A 73 -37.44 4.28 22.31
CA LYS A 73 -38.44 3.30 22.76
C LYS A 73 -37.75 2.31 23.70
N HIS A 74 -38.19 2.28 24.95
CA HIS A 74 -37.66 1.43 26.02
C HIS A 74 -37.82 -0.07 25.71
N ASN A 75 -36.82 -0.85 26.10
CA ASN A 75 -36.89 -2.30 26.04
C ASN A 75 -36.41 -2.81 27.38
N GLY A 76 -35.10 -2.68 27.64
CA GLY A 76 -34.57 -3.04 28.95
C GLY A 76 -34.04 -4.46 29.14
N THR A 77 -34.16 -5.31 28.10
CA THR A 77 -33.65 -6.70 28.20
C THR A 77 -32.12 -6.68 28.39
N GLU A 78 -31.62 -7.43 29.40
CA GLU A 78 -30.18 -7.58 29.67
C GLU A 78 -29.47 -8.10 28.43
N LEU A 79 -28.27 -7.61 28.19
CA LEU A 79 -27.48 -8.02 27.04
C LEU A 79 -26.03 -8.17 27.48
N THR A 80 -25.46 -9.35 27.20
CA THR A 80 -24.06 -9.65 27.48
C THR A 80 -23.41 -10.05 26.17
N LEU A 81 -22.36 -9.30 25.76
CA LEU A 81 -21.65 -9.63 24.52
C LEU A 81 -20.26 -10.05 24.88
N ARG A 82 -19.99 -11.35 24.71
CA ARG A 82 -18.71 -11.94 25.02
C ARG A 82 -17.92 -12.04 23.74
N TYR A 83 -16.86 -11.25 23.64
CA TYR A 83 -16.03 -11.23 22.45
C TYR A 83 -14.67 -11.79 22.77
N SER A 84 -13.86 -11.99 21.72
CA SER A 84 -12.46 -12.43 21.83
C SER A 84 -11.64 -11.40 22.63
N THR A 85 -11.99 -10.11 22.51
CA THR A 85 -11.27 -9.03 23.21
C THR A 85 -11.77 -8.82 24.64
N GLY A 86 -12.87 -9.43 24.97
CA GLY A 86 -13.48 -9.27 26.29
C GLY A 86 -14.99 -9.16 26.24
N THR A 87 -15.63 -8.91 27.38
CA THR A 87 -17.07 -8.76 27.49
C THR A 87 -17.48 -7.32 27.68
N VAL A 88 -18.66 -6.96 27.14
CA VAL A 88 -19.37 -5.73 27.43
C VAL A 88 -20.77 -6.16 27.77
N SER A 89 -21.42 -5.42 28.64
CA SER A 89 -22.80 -5.75 28.96
C SER A 89 -23.61 -4.50 29.23
N GLY A 90 -24.91 -4.65 29.05
CA GLY A 90 -25.86 -3.59 29.32
C GLY A 90 -27.26 -4.06 29.04
N PHE A 91 -28.00 -3.27 28.28
CA PHE A 91 -29.41 -3.59 28.01
C PHE A 91 -29.84 -3.08 26.65
N LEU A 92 -30.97 -3.60 26.16
CA LEU A 92 -31.54 -3.24 24.88
C LEU A 92 -32.39 -1.98 24.89
N SER A 93 -32.26 -1.19 23.83
CA SER A 93 -33.02 0.04 23.59
C SER A 93 -33.28 0.14 22.12
N GLN A 94 -34.32 0.86 21.74
CA GLN A 94 -34.64 1.09 20.34
C GLN A 94 -34.68 2.58 20.08
N ASP A 95 -34.16 3.00 18.94
CA ASP A 95 -34.21 4.40 18.50
C ASP A 95 -33.91 4.46 17.00
N ILE A 96 -34.02 5.67 16.43
CA ILE A 96 -33.69 5.91 15.01
C ILE A 96 -32.18 6.08 14.89
N ILE A 97 -31.57 5.35 13.95
CA ILE A 97 -30.13 5.42 13.67
C ILE A 97 -29.97 5.90 12.24
N THR A 98 -29.09 6.89 12.03
CA THR A 98 -28.73 7.36 10.68
C THR A 98 -27.32 6.90 10.37
N VAL A 99 -27.15 6.25 9.22
CA VAL A 99 -25.88 5.75 8.73
C VAL A 99 -25.82 6.09 7.24
N GLY A 100 -24.88 6.96 6.89
CA GLY A 100 -24.69 7.51 5.55
C GLY A 100 -25.96 8.08 4.91
N GLY A 101 -26.83 8.73 5.64
CA GLY A 101 -28.04 9.20 4.95
C GLY A 101 -29.25 8.26 5.01
N ILE A 102 -29.01 6.94 5.21
CA ILE A 102 -30.09 5.98 5.45
C ILE A 102 -30.53 6.14 6.93
N THR A 103 -31.84 6.21 7.17
CA THR A 103 -32.46 6.30 8.47
C THR A 103 -33.15 4.97 8.73
N VAL A 104 -32.85 4.35 9.89
CA VAL A 104 -33.40 3.06 10.23
C VAL A 104 -33.76 2.98 11.72
N THR A 105 -34.96 2.43 12.04
CA THR A 105 -35.40 2.20 13.42
C THR A 105 -34.64 0.95 13.86
N GLN A 106 -33.81 1.05 14.89
CA GLN A 106 -32.98 -0.08 15.26
C GLN A 106 -32.92 -0.40 16.73
N MET A 107 -32.88 -1.70 17.04
CA MET A 107 -32.72 -2.19 18.41
C MET A 107 -31.20 -2.32 18.61
N PHE A 108 -30.69 -1.68 19.67
CA PHE A 108 -29.26 -1.66 19.98
C PHE A 108 -28.99 -1.83 21.45
N GLY A 109 -27.72 -2.11 21.78
CA GLY A 109 -27.31 -2.26 23.17
C GLY A 109 -26.78 -0.95 23.74
N GLU A 110 -27.31 -0.58 24.91
CA GLU A 110 -26.85 0.53 25.74
C GLU A 110 -25.86 -0.12 26.75
N VAL A 111 -24.54 0.03 26.52
CA VAL A 111 -23.52 -0.63 27.33
C VAL A 111 -23.26 0.13 28.65
N THR A 112 -23.48 -0.57 29.79
CA THR A 112 -23.28 -0.02 31.14
C THR A 112 -22.02 -0.60 31.80
N GLU A 113 -21.42 -1.63 31.21
CA GLU A 113 -20.19 -2.25 31.75
C GLU A 113 -19.21 -2.35 30.62
N MET A 114 -18.17 -1.53 30.66
CA MET A 114 -17.22 -1.39 29.57
C MET A 114 -15.77 -1.36 30.11
N PRO A 115 -15.11 -2.56 30.14
CA PRO A 115 -13.76 -2.68 30.73
C PRO A 115 -12.69 -1.75 30.11
N ALA A 116 -11.86 -1.15 30.98
CA ALA A 116 -10.73 -0.26 30.61
C ALA A 116 -9.81 -0.97 29.61
N LEU A 117 -9.60 -2.29 29.79
CA LEU A 117 -8.88 -3.10 28.81
C LEU A 117 -9.92 -3.93 28.09
N PRO A 118 -10.18 -3.72 26.78
CA PRO A 118 -9.42 -2.88 25.84
C PRO A 118 -10.00 -1.49 25.50
N PHE A 119 -11.15 -1.10 26.08
CA PHE A 119 -11.87 0.08 25.58
C PHE A 119 -11.23 1.43 25.91
N MET A 120 -10.27 1.51 26.83
CA MET A 120 -9.56 2.78 27.06
C MET A 120 -8.57 3.03 25.90
N LEU A 121 -8.27 1.98 25.10
CA LEU A 121 -7.36 2.05 23.94
C LEU A 121 -8.16 2.34 22.65
N ALA A 122 -9.50 2.29 22.75
CA ALA A 122 -10.35 2.51 21.59
C ALA A 122 -10.60 3.99 21.34
N GLU A 123 -10.39 4.40 20.10
CA GLU A 123 -10.71 5.77 19.66
C GLU A 123 -12.18 5.87 19.30
N PHE A 124 -12.80 4.74 18.98
CA PHE A 124 -14.22 4.69 18.65
C PHE A 124 -15.01 4.53 19.93
N ASP A 125 -16.33 4.81 19.90
CA ASP A 125 -17.23 4.64 21.04
C ASP A 125 -17.90 3.29 21.07
N GLY A 126 -18.40 2.85 19.92
CA GLY A 126 -19.19 1.63 19.85
C GLY A 126 -18.99 0.81 18.61
N VAL A 127 -19.91 -0.12 18.38
CA VAL A 127 -19.80 -1.10 17.30
C VAL A 127 -21.10 -1.25 16.51
N VAL A 128 -20.97 -1.34 15.20
CA VAL A 128 -22.09 -1.65 14.31
C VAL A 128 -21.79 -3.05 13.72
N GLY A 129 -22.44 -4.07 14.30
CA GLY A 129 -22.29 -5.44 13.82
C GLY A 129 -22.86 -5.62 12.42
N MET A 130 -22.02 -6.05 11.49
CA MET A 130 -22.32 -6.27 10.08
C MET A 130 -22.49 -7.78 9.78
N GLY A 131 -22.43 -8.61 10.83
CA GLY A 131 -22.63 -10.04 10.74
C GLY A 131 -24.09 -10.43 10.62
N PHE A 132 -24.38 -11.74 10.52
CA PHE A 132 -25.74 -12.25 10.31
C PHE A 132 -26.58 -12.40 11.59
N ILE A 133 -27.93 -12.45 11.44
CA ILE A 133 -28.91 -12.62 12.53
C ILE A 133 -28.63 -13.90 13.33
N GLU A 134 -28.12 -14.95 12.66
CA GLU A 134 -27.77 -16.25 13.28
C GLU A 134 -26.81 -16.07 14.46
N GLN A 135 -25.88 -15.07 14.39
CA GLN A 135 -24.92 -14.82 15.46
C GLN A 135 -25.28 -13.62 16.35
N ALA A 136 -26.48 -13.02 16.16
CA ALA A 136 -26.93 -11.88 16.95
C ALA A 136 -27.34 -12.31 18.34
N ILE A 137 -26.74 -11.70 19.38
CA ILE A 137 -27.06 -12.02 20.77
C ILE A 137 -28.42 -11.42 21.08
N GLY A 138 -29.27 -12.18 21.76
CA GLY A 138 -30.64 -11.81 22.10
C GLY A 138 -31.58 -11.83 20.91
N ARG A 139 -31.16 -12.46 19.79
CA ARG A 139 -31.89 -12.59 18.52
C ARG A 139 -32.37 -11.21 17.98
N VAL A 140 -31.54 -10.16 18.19
CA VAL A 140 -31.87 -8.80 17.74
C VAL A 140 -31.62 -8.72 16.22
N THR A 141 -32.58 -8.19 15.46
CA THR A 141 -32.41 -8.02 14.01
C THR A 141 -31.24 -7.06 13.71
N PRO A 142 -30.19 -7.52 12.99
CA PRO A 142 -29.03 -6.63 12.71
C PRO A 142 -29.38 -5.47 11.81
N ILE A 143 -28.58 -4.38 11.88
CA ILE A 143 -28.86 -3.15 11.15
C ILE A 143 -28.94 -3.35 9.60
N PHE A 144 -28.06 -4.19 9.00
CA PHE A 144 -28.10 -4.36 7.54
C PHE A 144 -29.39 -5.06 7.09
N ASP A 145 -29.91 -5.99 7.91
CA ASP A 145 -31.18 -6.67 7.66
C ASP A 145 -32.34 -5.66 7.68
N ASN A 146 -32.32 -4.71 8.62
CA ASN A 146 -33.36 -3.67 8.69
C ASN A 146 -33.27 -2.71 7.52
N ILE A 147 -32.04 -2.41 7.06
CA ILE A 147 -31.85 -1.53 5.90
C ILE A 147 -32.38 -2.26 4.62
N ILE A 148 -32.04 -3.56 4.48
CA ILE A 148 -32.51 -4.39 3.37
C ILE A 148 -34.07 -4.39 3.29
N SER A 149 -34.75 -4.56 4.45
CA SER A 149 -36.21 -4.55 4.58
C SER A 149 -36.86 -3.30 3.98
N GLN A 150 -36.12 -2.18 3.90
CA GLN A 150 -36.62 -0.92 3.33
C GLN A 150 -36.69 -0.97 1.80
N GLY A 151 -35.98 -1.93 1.19
CA GLY A 151 -35.93 -2.11 -0.25
C GLY A 151 -35.44 -0.90 -1.02
N VAL A 152 -34.43 -0.19 -0.47
CA VAL A 152 -33.87 1.01 -1.09
C VAL A 152 -32.50 0.75 -1.74
N LEU A 153 -31.77 -0.25 -1.26
CA LEU A 153 -30.44 -0.59 -1.78
C LEU A 153 -30.46 -1.23 -3.17
N LYS A 154 -29.52 -0.86 -4.04
CA LYS A 154 -29.37 -1.42 -5.40
C LYS A 154 -29.08 -2.91 -5.31
N GLU A 155 -28.18 -3.32 -4.41
CA GLU A 155 -27.83 -4.73 -4.21
C GLU A 155 -27.77 -5.05 -2.71
N ASP A 156 -27.97 -6.33 -2.39
CA ASP A 156 -27.97 -6.86 -1.03
C ASP A 156 -26.49 -7.20 -0.65
N VAL A 157 -25.60 -6.18 -0.79
CA VAL A 157 -24.16 -6.27 -0.55
C VAL A 157 -23.69 -5.02 0.19
N PHE A 158 -22.49 -5.10 0.77
CA PHE A 158 -21.81 -3.95 1.37
C PHE A 158 -20.31 -4.18 1.17
N SER A 159 -19.54 -3.09 1.03
CA SER A 159 -18.12 -3.17 0.71
C SER A 159 -17.25 -2.34 1.62
N PHE A 160 -15.99 -2.78 1.79
CA PHE A 160 -14.99 -2.11 2.62
C PHE A 160 -13.75 -1.76 1.88
N TYR A 161 -13.32 -0.51 2.08
CA TYR A 161 -12.04 -0.01 1.61
C TYR A 161 -11.34 0.50 2.85
N TYR A 162 -10.14 0.00 3.14
CA TYR A 162 -9.33 0.45 4.28
C TYR A 162 -8.02 1.01 3.69
N ASN A 163 -7.75 2.30 3.90
CA ASN A 163 -6.50 2.89 3.39
C ASN A 163 -5.31 2.64 4.33
N ARG A 164 -4.09 2.82 3.79
CA ARG A 164 -2.81 2.82 4.52
C ARG A 164 -2.74 4.17 5.29
N ASP A 165 -2.25 4.15 6.54
CA ASP A 165 -2.24 5.36 7.39
C ASP A 165 -1.37 6.48 6.90
N SER A 166 -2.00 7.63 6.70
CA SER A 166 -1.35 8.84 6.27
C SER A 166 -1.37 9.90 7.39
N GLU A 167 -0.40 10.81 7.36
CA GLU A 167 -0.31 11.95 8.27
C GLU A 167 -1.01 13.16 7.61
N ASN A 168 -1.31 13.04 6.29
CA ASN A 168 -2.04 14.05 5.52
C ASN A 168 -3.50 13.93 5.88
N SER A 169 -4.11 15.07 6.22
CA SER A 169 -5.52 15.15 6.58
C SER A 169 -6.39 14.94 5.32
N GLN A 170 -5.81 15.21 4.12
CA GLN A 170 -6.44 15.06 2.80
C GLN A 170 -6.71 13.58 2.45
N SER A 171 -6.05 12.65 3.17
CA SER A 171 -6.17 11.21 2.98
C SER A 171 -7.49 10.66 3.54
N LEU A 172 -8.18 9.85 2.73
CA LEU A 172 -9.42 9.16 3.11
C LEU A 172 -8.98 7.95 3.96
N GLY A 173 -9.39 7.85 5.24
CA GLY A 173 -9.02 6.74 6.11
C GLY A 173 -9.54 5.39 5.62
N GLY A 174 -10.73 5.42 5.04
CA GLY A 174 -11.40 4.25 4.48
C GLY A 174 -12.81 4.58 4.09
N GLN A 175 -13.56 3.58 3.61
CA GLN A 175 -14.93 3.80 3.16
C GLN A 175 -15.72 2.50 3.16
N ILE A 176 -16.94 2.57 3.70
CA ILE A 176 -17.90 1.48 3.63
C ILE A 176 -19.00 1.91 2.62
N VAL A 177 -19.31 1.02 1.65
CA VAL A 177 -20.41 1.27 0.71
C VAL A 177 -21.52 0.28 1.05
N LEU A 178 -22.74 0.78 1.31
CA LEU A 178 -23.90 -0.07 1.54
C LEU A 178 -24.65 -0.13 0.20
N GLY A 179 -24.90 -1.32 -0.29
CA GLY A 179 -25.65 -1.49 -1.54
C GLY A 179 -24.82 -1.65 -2.80
N GLY A 180 -23.49 -1.68 -2.66
CA GLY A 180 -22.58 -1.82 -3.79
C GLY A 180 -21.13 -1.77 -3.39
N SER A 181 -20.26 -1.53 -4.38
CA SER A 181 -18.80 -1.37 -4.29
C SER A 181 -18.44 -0.10 -5.02
N ASP A 182 -17.32 0.51 -4.63
CA ASP A 182 -16.83 1.73 -5.25
C ASP A 182 -15.64 1.42 -6.18
N PRO A 183 -15.88 1.44 -7.53
CA PRO A 183 -14.80 1.14 -8.50
C PRO A 183 -13.57 2.06 -8.43
N GLN A 184 -13.67 3.23 -7.78
CA GLN A 184 -12.52 4.13 -7.56
C GLN A 184 -11.51 3.53 -6.55
N HIS A 185 -11.94 2.53 -5.73
CA HIS A 185 -11.05 1.96 -4.70
C HIS A 185 -10.60 0.52 -4.95
N TYR A 186 -10.87 -0.03 -6.13
CA TYR A 186 -10.35 -1.33 -6.51
C TYR A 186 -10.03 -1.32 -7.99
N GLU A 187 -9.18 -2.25 -8.42
CA GLU A 187 -8.83 -2.41 -9.84
C GLU A 187 -8.89 -3.90 -10.18
N GLY A 188 -8.89 -4.25 -11.47
CA GLY A 188 -9.05 -5.64 -11.89
C GLY A 188 -10.46 -6.11 -11.58
N ASN A 189 -10.64 -7.42 -11.45
CA ASN A 189 -11.99 -7.92 -11.15
C ASN A 189 -12.07 -8.59 -9.81
N PHE A 190 -13.29 -8.62 -9.24
CA PHE A 190 -13.55 -9.35 -8.01
C PHE A 190 -13.49 -10.85 -8.32
N HIS A 191 -12.92 -11.61 -7.36
CA HIS A 191 -12.85 -13.06 -7.34
C HIS A 191 -13.58 -13.43 -6.06
N TYR A 192 -14.69 -14.20 -6.20
CA TYR A 192 -15.57 -14.59 -5.10
C TYR A 192 -15.28 -15.96 -4.55
N ILE A 193 -15.49 -16.09 -3.24
CA ILE A 193 -15.34 -17.35 -2.49
C ILE A 193 -16.66 -17.48 -1.74
N ASN A 194 -17.34 -18.63 -1.89
CA ASN A 194 -18.62 -18.85 -1.23
C ASN A 194 -18.43 -19.05 0.25
N LEU A 195 -19.44 -18.69 1.04
CA LEU A 195 -19.37 -18.89 2.48
C LEU A 195 -19.52 -20.38 2.74
N ILE A 196 -18.84 -20.90 3.79
CA ILE A 196 -18.99 -22.29 4.24
C ILE A 196 -20.51 -22.53 4.43
N LYS A 197 -21.17 -21.55 5.11
CA LYS A 197 -22.60 -21.54 5.40
C LYS A 197 -23.05 -20.12 5.66
N THR A 198 -24.35 -19.85 5.43
CA THR A 198 -24.95 -18.55 5.76
C THR A 198 -24.91 -18.39 7.29
N GLY A 199 -24.84 -17.16 7.77
CA GLY A 199 -24.78 -16.93 9.21
C GLY A 199 -23.43 -16.46 9.73
N VAL A 200 -22.33 -16.74 8.99
CA VAL A 200 -20.96 -16.35 9.38
C VAL A 200 -20.20 -15.88 8.14
N TRP A 201 -19.45 -14.75 8.22
CA TRP A 201 -18.60 -14.25 7.11
C TRP A 201 -17.29 -15.02 7.13
N GLN A 202 -17.40 -16.33 6.88
CA GLN A 202 -16.28 -17.24 6.95
C GLN A 202 -16.21 -18.11 5.70
N ILE A 203 -14.99 -18.29 5.21
CA ILE A 203 -14.76 -19.05 3.99
C ILE A 203 -13.70 -20.12 4.23
N GLN A 204 -13.62 -21.07 3.28
CA GLN A 204 -12.59 -22.11 3.31
C GLN A 204 -11.24 -21.53 2.84
N MET A 205 -10.15 -21.92 3.51
CA MET A 205 -8.79 -21.55 3.11
C MET A 205 -8.04 -22.86 2.80
N LYS A 206 -7.35 -22.89 1.64
CA LYS A 206 -6.68 -24.06 1.09
C LYS A 206 -5.22 -24.23 1.52
N GLY A 207 -4.65 -23.19 2.13
CA GLY A 207 -3.27 -23.22 2.61
C GLY A 207 -2.69 -21.83 2.87
N VAL A 208 -1.64 -21.76 3.69
CA VAL A 208 -0.93 -20.52 4.02
C VAL A 208 0.56 -20.77 3.70
N SER A 209 1.14 -19.97 2.78
CA SER A 209 2.55 -20.10 2.40
C SER A 209 3.41 -18.98 2.97
N VAL A 210 4.57 -19.35 3.52
CA VAL A 210 5.55 -18.41 4.04
C VAL A 210 6.78 -18.60 3.20
N GLY A 211 7.03 -17.64 2.30
CA GLY A 211 8.12 -17.68 1.34
C GLY A 211 8.01 -18.86 0.39
N SER A 212 9.12 -19.60 0.28
CA SER A 212 9.25 -20.76 -0.61
C SER A 212 9.10 -22.08 0.15
N SER A 213 9.93 -22.25 1.21
CA SER A 213 10.10 -23.48 1.98
C SER A 213 9.23 -23.67 3.27
N THR A 214 8.21 -22.80 3.53
CA THR A 214 7.33 -23.00 4.71
C THR A 214 5.84 -23.08 4.30
N LEU A 215 5.11 -24.08 4.85
CA LEU A 215 3.70 -24.32 4.54
C LEU A 215 2.86 -24.67 5.77
N LEU A 216 1.73 -23.96 5.94
CA LEU A 216 0.76 -24.15 7.03
C LEU A 216 -0.59 -24.41 6.38
N CYS A 217 -1.65 -24.76 7.17
CA CYS A 217 -3.02 -24.98 6.67
C CYS A 217 -3.00 -25.96 5.44
N GLU A 218 -2.04 -26.91 5.48
CA GLU A 218 -1.77 -27.91 4.44
C GLU A 218 -3.00 -28.74 4.06
N ASP A 219 -3.84 -29.09 5.05
CA ASP A 219 -5.05 -29.88 4.79
C ASP A 219 -6.34 -29.04 4.80
N GLY A 220 -6.19 -27.72 4.64
CA GLY A 220 -7.32 -26.79 4.65
C GLY A 220 -7.68 -26.30 6.04
N CYS A 221 -8.24 -25.08 6.12
CA CYS A 221 -8.63 -24.43 7.37
C CYS A 221 -9.70 -23.39 7.10
N LEU A 222 -10.15 -22.69 8.13
CA LEU A 222 -11.20 -21.68 7.99
C LEU A 222 -10.62 -20.26 8.05
N ALA A 223 -11.29 -19.30 7.38
CA ALA A 223 -10.90 -17.90 7.37
C ALA A 223 -12.12 -17.01 7.58
N LEU A 224 -12.17 -16.38 8.75
CA LEU A 224 -13.20 -15.41 9.10
C LEU A 224 -12.71 -14.06 8.51
N VAL A 225 -13.54 -13.37 7.69
CA VAL A 225 -13.12 -12.09 7.11
C VAL A 225 -13.70 -11.03 8.02
N ASP A 226 -12.84 -10.51 8.93
CA ASP A 226 -13.27 -9.66 10.05
C ASP A 226 -12.80 -8.22 9.96
N THR A 227 -13.73 -7.32 9.58
CA THR A 227 -13.46 -5.88 9.46
C THR A 227 -13.19 -5.19 10.81
N GLY A 228 -13.64 -5.83 11.90
CA GLY A 228 -13.45 -5.35 13.27
C GLY A 228 -12.17 -5.83 13.95
N ALA A 229 -11.33 -6.62 13.25
CA ALA A 229 -10.05 -7.08 13.77
C ALA A 229 -8.95 -6.22 13.15
N SER A 230 -7.93 -5.83 13.94
CA SER A 230 -6.83 -5.03 13.42
C SER A 230 -5.88 -5.88 12.59
N TYR A 231 -5.51 -7.04 13.16
CA TYR A 231 -4.48 -7.89 12.58
C TYR A 231 -5.03 -9.15 11.97
N ILE A 232 -4.19 -9.84 11.21
CA ILE A 232 -4.53 -11.17 10.75
C ILE A 232 -4.29 -12.06 12.01
N SER A 233 -5.17 -13.03 12.27
CA SER A 233 -4.92 -13.95 13.37
C SER A 233 -5.00 -15.41 12.91
N GLY A 234 -4.26 -16.25 13.60
CA GLY A 234 -4.26 -17.69 13.42
C GLY A 234 -4.28 -18.30 14.82
N SER A 235 -4.44 -19.64 14.90
CA SER A 235 -4.42 -20.36 16.19
C SER A 235 -3.01 -20.21 16.79
N THR A 236 -2.87 -20.41 18.12
CA THR A 236 -1.56 -20.32 18.78
C THR A 236 -0.54 -21.22 18.09
N SER A 237 -0.93 -22.46 17.77
CA SER A 237 -0.03 -23.41 17.11
C SER A 237 0.42 -22.96 15.72
N SER A 238 -0.52 -22.50 14.88
CA SER A 238 -0.19 -22.01 13.53
C SER A 238 0.75 -20.79 13.58
N ILE A 239 0.50 -19.86 14.50
CA ILE A 239 1.28 -18.62 14.63
C ILE A 239 2.69 -18.91 15.14
N GLU A 240 2.85 -19.88 16.06
CA GLU A 240 4.19 -20.27 16.53
C GLU A 240 5.06 -20.74 15.33
N LYS A 241 4.49 -21.56 14.43
CA LYS A 241 5.17 -22.07 13.23
C LYS A 241 5.44 -20.93 12.25
N LEU A 242 4.44 -20.06 12.00
CA LEU A 242 4.57 -18.89 11.12
C LEU A 242 5.69 -17.97 11.60
N MET A 243 5.69 -17.64 12.88
CA MET A 243 6.67 -16.71 13.45
C MET A 243 8.10 -17.25 13.51
N GLU A 244 8.24 -18.57 13.71
CA GLU A 244 9.53 -19.27 13.70
C GLU A 244 10.09 -19.15 12.29
N ALA A 245 9.25 -19.37 11.27
CA ALA A 245 9.63 -19.23 9.86
C ALA A 245 10.10 -17.81 9.53
N LEU A 246 9.50 -16.78 10.17
CA LEU A 246 9.87 -15.37 9.95
C LEU A 246 11.08 -14.91 10.75
N GLY A 247 11.41 -15.61 11.83
CA GLY A 247 12.51 -15.22 12.72
C GLY A 247 12.04 -14.20 13.74
N ALA A 248 10.72 -14.15 13.97
CA ALA A 248 10.07 -13.22 14.90
C ALA A 248 10.00 -13.79 16.29
N LYS A 249 10.18 -12.92 17.29
CA LYS A 249 10.11 -13.30 18.70
C LYS A 249 8.85 -12.74 19.35
N LYS A 250 8.27 -13.56 20.24
CA LYS A 250 7.06 -13.29 21.00
C LYS A 250 7.30 -12.33 22.16
N ARG A 251 6.34 -11.43 22.39
CA ARG A 251 6.32 -10.53 23.52
C ARG A 251 5.05 -10.86 24.28
N LEU A 252 4.52 -9.93 25.11
CA LEU A 252 3.30 -10.16 25.87
C LEU A 252 2.07 -10.50 24.96
N PHE A 253 1.72 -9.57 24.06
CA PHE A 253 0.56 -9.70 23.19
C PHE A 253 0.85 -9.72 21.70
N ASP A 254 2.07 -9.37 21.31
CA ASP A 254 2.39 -9.29 19.89
C ASP A 254 3.68 -10.00 19.56
N TYR A 255 4.08 -9.93 18.29
CA TYR A 255 5.31 -10.48 17.76
C TYR A 255 6.15 -9.37 17.12
N VAL A 256 7.49 -9.44 17.33
CA VAL A 256 8.39 -8.41 16.82
C VAL A 256 9.54 -8.99 16.04
N VAL A 257 10.17 -8.16 15.22
CA VAL A 257 11.40 -8.46 14.48
C VAL A 257 12.28 -7.27 14.72
N LYS A 258 13.60 -7.45 14.51
CA LYS A 258 14.57 -6.36 14.60
C LYS A 258 14.19 -5.48 13.40
N CYS A 259 13.99 -4.17 13.61
CA CYS A 259 13.55 -3.25 12.55
C CYS A 259 14.34 -3.35 11.25
N ASN A 260 15.67 -3.48 11.31
CA ASN A 260 16.53 -3.63 10.15
C ASN A 260 16.20 -4.92 9.35
N GLU A 261 15.69 -5.94 10.04
CA GLU A 261 15.34 -7.22 9.39
C GLU A 261 13.97 -7.20 8.70
N GLY A 262 13.12 -6.25 9.14
CA GLY A 262 11.76 -6.04 8.62
C GLY A 262 11.63 -6.07 7.10
N PRO A 263 12.43 -5.29 6.34
CA PRO A 263 12.28 -5.31 4.88
C PRO A 263 12.70 -6.58 4.15
N THR A 264 13.40 -7.50 4.83
CA THR A 264 13.89 -8.75 4.22
C THR A 264 12.93 -9.94 4.37
N LEU A 265 11.97 -9.87 5.31
CA LEU A 265 11.00 -10.92 5.62
C LEU A 265 10.29 -11.44 4.37
N PRO A 266 10.00 -12.77 4.30
CA PRO A 266 9.37 -13.30 3.07
C PRO A 266 7.90 -12.94 2.92
N ASP A 267 7.35 -13.15 1.72
CA ASP A 267 5.93 -12.95 1.42
C ASP A 267 5.11 -14.00 2.15
N ILE A 268 3.87 -13.65 2.50
CA ILE A 268 2.92 -14.56 3.11
C ILE A 268 1.75 -14.64 2.16
N SER A 269 1.34 -15.86 1.80
CA SER A 269 0.26 -16.07 0.84
C SER A 269 -0.86 -16.86 1.42
N PHE A 270 -2.10 -16.42 1.14
CA PHE A 270 -3.33 -17.06 1.62
C PHE A 270 -4.05 -17.60 0.38
N HIS A 271 -4.23 -18.90 0.32
CA HIS A 271 -4.91 -19.54 -0.81
C HIS A 271 -6.42 -19.58 -0.55
N LEU A 272 -7.15 -18.70 -1.24
CA LEU A 272 -8.59 -18.54 -1.08
C LEU A 272 -9.25 -18.71 -2.43
N GLY A 273 -10.17 -19.66 -2.50
CA GLY A 273 -10.91 -20.00 -3.72
C GLY A 273 -9.92 -20.32 -4.83
N GLY A 274 -10.07 -19.64 -5.95
CA GLY A 274 -9.16 -19.85 -7.06
C GLY A 274 -7.76 -19.24 -6.91
N LYS A 275 -7.65 -18.08 -6.22
CA LYS A 275 -6.42 -17.26 -6.14
C LYS A 275 -5.56 -17.34 -4.88
N GLU A 276 -4.28 -16.92 -5.05
CA GLU A 276 -3.30 -16.73 -3.98
C GLU A 276 -3.31 -15.23 -3.62
N TYR A 277 -3.47 -14.92 -2.35
CA TYR A 277 -3.53 -13.56 -1.83
C TYR A 277 -2.25 -13.30 -1.07
N THR A 278 -1.33 -12.60 -1.70
CA THR A 278 0.01 -12.36 -1.19
C THR A 278 0.17 -11.02 -0.50
N LEU A 279 0.79 -11.06 0.68
CA LEU A 279 1.19 -9.91 1.46
C LEU A 279 2.70 -9.92 1.55
N THR A 280 3.35 -8.82 1.14
CA THR A 280 4.81 -8.66 1.27
C THR A 280 5.08 -8.14 2.70
N SER A 281 6.35 -8.11 3.12
CA SER A 281 6.73 -7.61 4.47
C SER A 281 6.25 -6.16 4.70
N ALA A 282 6.23 -5.32 3.66
CA ALA A 282 5.74 -3.94 3.76
C ALA A 282 4.24 -3.92 4.12
N ASP A 283 3.49 -4.97 3.78
CA ASP A 283 2.05 -5.09 4.08
C ASP A 283 1.79 -5.57 5.51
N TYR A 284 2.74 -6.29 6.14
CA TYR A 284 2.45 -6.82 7.48
C TYR A 284 3.43 -6.38 8.56
N VAL A 285 4.47 -5.61 8.22
CA VAL A 285 5.42 -5.12 9.24
C VAL A 285 5.15 -3.63 9.45
N PHE A 286 5.01 -3.20 10.72
CA PHE A 286 4.90 -1.77 11.04
C PHE A 286 6.34 -1.25 11.08
N GLN A 287 6.83 -0.83 9.90
CA GLN A 287 8.21 -0.36 9.67
C GLN A 287 8.42 1.06 10.23
N GLU A 288 8.47 1.18 11.57
CA GLU A 288 8.58 2.48 12.26
C GLU A 288 10.00 3.07 12.20
N SER A 289 10.99 2.23 11.95
CA SER A 289 12.41 2.58 11.82
C SER A 289 13.12 1.46 11.07
N TYR A 290 14.42 1.62 10.81
CA TYR A 290 15.25 0.61 10.14
C TYR A 290 16.42 0.24 11.04
N SER A 291 16.32 0.63 12.32
CA SER A 291 17.39 0.42 13.27
C SER A 291 17.58 -1.03 13.67
N SER A 292 18.84 -1.46 13.75
CA SER A 292 19.24 -2.79 14.25
C SER A 292 19.07 -2.80 15.79
N LYS A 293 18.80 -1.63 16.41
CA LYS A 293 18.63 -1.42 17.85
C LYS A 293 17.15 -1.22 18.29
N LYS A 294 16.18 -1.34 17.35
CA LYS A 294 14.77 -1.17 17.68
C LYS A 294 13.97 -2.37 17.20
N LEU A 295 12.82 -2.63 17.84
CA LEU A 295 11.96 -3.76 17.49
C LEU A 295 10.73 -3.25 16.78
N CYS A 296 10.37 -3.91 15.68
CA CYS A 296 9.22 -3.52 14.86
C CYS A 296 8.12 -4.56 14.99
N THR A 297 6.89 -4.13 15.27
CA THR A 297 5.74 -5.04 15.44
C THR A 297 5.23 -5.56 14.10
N LEU A 298 4.68 -6.79 14.11
CA LEU A 298 4.03 -7.42 12.96
C LEU A 298 2.53 -7.30 13.16
N ALA A 299 1.82 -7.05 12.07
CA ALA A 299 0.37 -6.92 12.05
C ALA A 299 -0.34 -8.31 11.91
N ILE A 300 0.22 -9.33 12.61
CA ILE A 300 -0.22 -10.74 12.68
C ILE A 300 0.01 -11.21 14.13
N HIS A 301 -0.96 -11.93 14.72
CA HIS A 301 -0.88 -12.43 16.11
C HIS A 301 -1.70 -13.71 16.28
N ALA A 302 -1.70 -14.26 17.49
CA ALA A 302 -2.50 -15.47 17.76
C ALA A 302 -3.81 -15.10 18.41
N MET A 303 -4.86 -15.81 18.04
CA MET A 303 -6.18 -15.68 18.66
C MET A 303 -6.87 -17.00 18.51
N ASP A 304 -7.13 -17.68 19.65
CA ASP A 304 -7.81 -18.98 19.62
C ASP A 304 -9.30 -18.72 19.71
N ILE A 305 -9.98 -18.83 18.58
CA ILE A 305 -11.42 -18.58 18.53
C ILE A 305 -12.13 -19.88 18.83
N PRO A 306 -12.98 -19.89 19.89
CA PRO A 306 -13.63 -21.15 20.29
C PRO A 306 -14.69 -21.66 19.32
N PRO A 307 -15.10 -22.95 19.39
CA PRO A 307 -16.18 -23.42 18.52
C PRO A 307 -17.50 -22.70 18.86
N PRO A 308 -18.52 -22.64 17.98
CA PRO A 308 -18.61 -23.25 16.64
C PRO A 308 -17.87 -22.49 15.52
N THR A 309 -17.62 -21.17 15.68
CA THR A 309 -16.92 -20.33 14.69
C THR A 309 -15.47 -20.79 14.48
N GLY A 310 -14.74 -20.96 15.56
CA GLY A 310 -13.35 -21.40 15.50
C GLY A 310 -13.19 -22.89 15.75
N PRO A 311 -11.95 -23.44 15.71
CA PRO A 311 -10.68 -22.79 15.37
C PRO A 311 -10.73 -22.22 13.94
N THR A 312 -10.23 -20.98 13.80
CA THR A 312 -10.24 -20.29 12.51
C THR A 312 -9.16 -19.24 12.44
N TRP A 313 -8.75 -18.89 11.21
CA TRP A 313 -7.88 -17.75 11.02
C TRP A 313 -8.85 -16.57 10.91
N ALA A 314 -8.37 -15.35 11.11
CA ALA A 314 -9.19 -14.18 10.89
C ALA A 314 -8.39 -13.23 10.01
N LEU A 315 -9.00 -12.78 8.91
CA LEU A 315 -8.37 -11.84 7.99
C LEU A 315 -8.92 -10.46 8.33
N GLY A 316 -8.12 -9.72 9.09
CA GLY A 316 -8.48 -8.40 9.60
C GLY A 316 -8.01 -7.26 8.71
N ALA A 317 -7.84 -6.05 9.29
CA ALA A 317 -7.45 -4.84 8.56
C ALA A 317 -6.17 -5.00 7.73
N THR A 318 -5.17 -5.78 8.24
CA THR A 318 -3.90 -6.08 7.53
C THR A 318 -4.17 -6.65 6.11
N PHE A 319 -5.20 -7.52 6.01
CA PHE A 319 -5.58 -8.12 4.74
C PHE A 319 -6.43 -7.18 3.89
N ILE A 320 -7.43 -6.56 4.51
CA ILE A 320 -8.38 -5.65 3.83
C ILE A 320 -7.68 -4.45 3.20
N ARG A 321 -6.57 -3.95 3.81
CA ARG A 321 -5.82 -2.82 3.23
C ARG A 321 -5.33 -3.19 1.83
N LYS A 322 -4.89 -4.44 1.66
CA LYS A 322 -4.37 -4.88 0.38
C LYS A 322 -5.50 -5.22 -0.59
N PHE A 323 -6.56 -5.84 -0.06
CA PHE A 323 -7.68 -6.32 -0.87
C PHE A 323 -9.00 -5.70 -0.50
N TYR A 324 -9.53 -4.87 -1.41
CA TYR A 324 -10.86 -4.27 -1.31
C TYR A 324 -11.84 -5.46 -1.19
N THR A 325 -12.76 -5.38 -0.22
CA THR A 325 -13.66 -6.52 0.10
C THR A 325 -15.14 -6.23 -0.05
N GLU A 326 -15.85 -7.10 -0.78
CA GLU A 326 -17.30 -7.02 -0.96
C GLU A 326 -17.95 -8.20 -0.20
N PHE A 327 -18.93 -7.90 0.64
CA PHE A 327 -19.63 -8.93 1.43
C PHE A 327 -21.00 -9.05 0.79
N ASP A 328 -21.22 -10.17 0.09
CA ASP A 328 -22.44 -10.37 -0.69
C ASP A 328 -23.46 -11.26 0.05
N ARG A 329 -24.56 -10.65 0.55
CA ARG A 329 -25.60 -11.37 1.27
C ARG A 329 -26.49 -12.16 0.31
N ARG A 330 -26.85 -11.57 -0.85
CA ARG A 330 -27.71 -12.21 -1.84
C ARG A 330 -27.16 -13.59 -2.26
N ASN A 331 -25.85 -13.69 -2.50
CA ASN A 331 -25.22 -14.92 -2.96
C ASN A 331 -24.43 -15.69 -1.92
N ASN A 332 -24.38 -15.21 -0.65
CA ASN A 332 -23.61 -15.83 0.43
C ASN A 332 -22.17 -16.06 0.02
N ARG A 333 -21.48 -14.96 -0.33
CA ARG A 333 -20.10 -15.02 -0.78
C ARG A 333 -19.35 -13.73 -0.45
N ILE A 334 -18.02 -13.77 -0.58
CA ILE A 334 -17.11 -12.64 -0.33
C ILE A 334 -16.27 -12.46 -1.56
N GLY A 335 -16.21 -11.23 -2.06
CA GLY A 335 -15.36 -10.91 -3.20
C GLY A 335 -14.17 -10.07 -2.80
N PHE A 336 -13.01 -10.36 -3.38
CA PHE A 336 -11.76 -9.63 -3.18
C PHE A 336 -11.22 -9.08 -4.49
N ALA A 337 -10.73 -7.83 -4.46
CA ALA A 337 -10.12 -7.20 -5.62
C ALA A 337 -8.97 -6.37 -5.07
N LEU A 338 -7.92 -6.16 -5.87
CA LEU A 338 -6.75 -5.38 -5.46
C LEU A 338 -7.17 -3.94 -5.17
N ALA A 339 -6.95 -3.49 -3.96
CA ALA A 339 -7.31 -2.13 -3.54
C ALA A 339 -6.46 -1.08 -4.23
N ARG A 340 -7.01 0.14 -4.40
CA ARG A 340 -6.27 1.31 -4.88
C ARG A 340 -6.74 2.63 -4.23
N LEU B 1 -2.73 4.03 -32.83
CA LEU B 1 -2.94 3.91 -31.38
C LEU B 1 -4.42 3.84 -30.99
N THR B 2 -4.76 2.83 -30.17
CA THR B 2 -6.11 2.65 -29.63
C THR B 2 -6.12 3.01 -28.14
N LEU B 3 -7.12 3.82 -27.72
CA LEU B 3 -7.29 4.26 -26.35
C LEU B 3 -8.60 3.77 -25.73
N GLY B 4 -8.49 3.27 -24.50
CA GLY B 4 -9.61 2.77 -23.74
C GLY B 4 -10.09 3.76 -22.70
N ASN B 5 -10.61 3.24 -21.59
CA ASN B 5 -11.19 4.05 -20.53
C ASN B 5 -10.69 3.63 -19.15
N THR B 6 -9.53 2.94 -19.08
CA THR B 6 -9.00 2.50 -17.80
C THR B 6 -7.62 3.08 -17.46
N THR B 7 -7.31 3.03 -16.16
CA THR B 7 -6.01 3.33 -15.57
C THR B 7 -5.74 2.17 -14.63
N SER B 8 -4.46 1.95 -14.34
CA SER B 8 -4.04 0.91 -13.41
C SER B 8 -2.96 1.49 -12.52
N SER B 9 -3.10 1.28 -11.22
CA SER B 9 -2.12 1.82 -10.30
C SER B 9 -1.34 0.73 -9.56
N VAL B 10 -0.10 1.03 -9.20
CA VAL B 10 0.73 0.10 -8.43
C VAL B 10 1.26 0.87 -7.22
N ILE B 11 0.96 0.35 -6.02
CA ILE B 11 1.41 0.95 -4.77
C ILE B 11 2.88 0.61 -4.61
N LEU B 12 3.70 1.58 -4.23
CA LEU B 12 5.13 1.36 -4.05
C LEU B 12 5.53 1.43 -2.60
N THR B 13 6.58 0.70 -2.25
CA THR B 13 7.19 0.74 -0.94
C THR B 13 8.39 1.67 -1.09
N ASN B 14 8.58 2.54 -0.12
CA ASN B 14 9.71 3.44 -0.04
C ASN B 14 10.69 2.86 0.98
N TYR B 15 11.85 2.43 0.49
CA TYR B 15 12.92 1.98 1.36
C TYR B 15 13.97 3.11 1.52
N MET B 16 14.02 3.73 2.71
CA MET B 16 15.01 4.74 3.09
C MET B 16 15.13 5.98 2.14
N ASP B 17 14.10 6.31 1.32
CA ASP B 17 14.13 7.41 0.33
C ASP B 17 15.12 7.13 -0.82
N THR B 18 15.62 5.88 -0.93
CA THR B 18 16.57 5.52 -1.99
C THR B 18 16.04 4.45 -2.92
N GLN B 19 15.08 3.62 -2.47
CA GLN B 19 14.53 2.55 -3.33
C GLN B 19 13.03 2.57 -3.28
N TYR B 20 12.37 2.64 -4.45
CA TYR B 20 10.91 2.66 -4.56
C TYR B 20 10.54 1.50 -5.44
N TYR B 21 9.77 0.56 -4.89
CA TYR B 21 9.44 -0.66 -5.63
C TYR B 21 8.03 -1.13 -5.36
N GLY B 22 7.46 -1.82 -6.33
CA GLY B 22 6.12 -2.35 -6.21
C GLY B 22 6.09 -3.80 -6.64
N GLU B 23 4.90 -4.38 -6.68
CA GLU B 23 4.78 -5.79 -7.03
C GLU B 23 4.30 -6.08 -8.41
N ILE B 24 4.84 -7.17 -8.99
CA ILE B 24 4.36 -7.74 -10.27
C ILE B 24 4.22 -9.26 -10.09
N GLY B 25 3.22 -9.85 -10.70
CA GLY B 25 3.04 -11.30 -10.66
C GLY B 25 3.44 -11.88 -12.00
N ILE B 26 4.28 -12.92 -12.00
CA ILE B 26 4.69 -13.56 -13.26
C ILE B 26 4.26 -15.05 -13.26
N GLY B 27 3.61 -15.47 -14.34
CA GLY B 27 3.21 -16.86 -14.53
C GLY B 27 1.83 -17.28 -14.05
N THR B 28 1.54 -18.59 -14.23
CA THR B 28 0.29 -19.25 -13.81
C THR B 28 0.60 -20.48 -12.92
N PRO B 29 0.32 -20.45 -11.60
CA PRO B 29 -0.22 -19.32 -10.81
C PRO B 29 0.84 -18.21 -10.65
N PRO B 30 0.44 -16.94 -10.42
CA PRO B 30 1.48 -15.89 -10.31
C PRO B 30 2.52 -16.07 -9.20
N GLN B 31 3.77 -15.78 -9.56
CA GLN B 31 4.92 -15.73 -8.65
C GLN B 31 5.20 -14.23 -8.53
N THR B 32 5.18 -13.69 -7.31
CA THR B 32 5.29 -12.26 -7.06
C THR B 32 6.71 -11.77 -6.83
N PHE B 33 7.04 -10.60 -7.40
CA PHE B 33 8.38 -9.98 -7.28
C PHE B 33 8.28 -8.50 -6.92
N LYS B 34 9.25 -8.01 -6.12
CA LYS B 34 9.39 -6.58 -5.78
C LYS B 34 10.23 -5.99 -6.94
N VAL B 35 9.70 -4.98 -7.65
CA VAL B 35 10.41 -4.41 -8.81
C VAL B 35 10.49 -2.88 -8.80
N VAL B 36 11.60 -2.34 -9.31
CA VAL B 36 11.73 -0.91 -9.51
C VAL B 36 11.14 -0.64 -10.91
N PHE B 37 10.24 0.37 -11.02
CA PHE B 37 9.64 0.79 -12.30
C PHE B 37 10.58 1.91 -12.73
N ASP B 38 11.37 1.61 -13.74
CA ASP B 38 12.54 2.39 -14.12
C ASP B 38 12.51 3.08 -15.51
N THR B 39 12.45 4.43 -15.54
CA THR B 39 12.47 5.16 -16.81
C THR B 39 13.88 5.19 -17.41
N GLY B 40 14.90 4.86 -16.60
CA GLY B 40 16.29 4.80 -17.03
C GLY B 40 16.70 3.52 -17.76
N SER B 41 15.80 2.54 -17.93
CA SER B 41 16.11 1.28 -18.66
C SER B 41 14.87 0.79 -19.37
N SER B 42 15.01 -0.18 -20.30
CA SER B 42 13.88 -0.62 -21.11
C SER B 42 13.55 -2.11 -21.07
N ASN B 43 14.22 -2.89 -20.21
CA ASN B 43 13.97 -4.32 -20.12
C ASN B 43 13.30 -4.71 -18.82
N VAL B 44 12.50 -5.79 -18.87
CA VAL B 44 11.92 -6.40 -17.67
C VAL B 44 12.85 -7.56 -17.30
N TRP B 45 13.23 -7.67 -16.03
CA TRP B 45 14.00 -8.82 -15.57
C TRP B 45 13.74 -9.11 -14.11
N VAL B 46 13.84 -10.39 -13.73
CA VAL B 46 13.75 -10.84 -12.35
C VAL B 46 14.84 -11.90 -12.12
N PRO B 47 15.30 -12.19 -10.87
CA PRO B 47 16.26 -13.30 -10.68
C PRO B 47 15.60 -14.64 -11.06
N SER B 48 16.39 -15.58 -11.59
CA SER B 48 15.91 -16.90 -12.02
C SER B 48 16.18 -17.98 -10.96
N SER B 49 15.42 -19.11 -11.02
CA SER B 49 15.64 -20.29 -10.14
C SER B 49 16.95 -20.97 -10.56
N LYS B 50 17.41 -20.68 -11.79
CA LYS B 50 18.64 -21.20 -12.35
C LYS B 50 19.88 -20.36 -11.93
N CYS B 51 19.68 -19.34 -11.06
CA CYS B 51 20.80 -18.51 -10.57
C CYS B 51 21.59 -19.31 -9.52
N SER B 52 22.91 -19.51 -9.77
CA SER B 52 23.79 -20.21 -8.84
C SER B 52 23.71 -19.57 -7.47
N ARG B 53 23.59 -20.39 -6.41
CA ARG B 53 23.53 -19.92 -5.02
C ARG B 53 24.89 -19.41 -4.50
N LEU B 54 25.93 -19.37 -5.39
CA LEU B 54 27.25 -18.83 -5.07
C LEU B 54 27.12 -17.31 -4.88
N TYR B 55 26.15 -16.70 -5.59
CA TYR B 55 25.78 -15.30 -5.52
C TYR B 55 24.87 -15.13 -4.32
N THR B 56 25.39 -14.48 -3.27
CA THR B 56 24.62 -14.23 -2.03
C THR B 56 23.29 -13.50 -2.32
N ALA B 57 23.24 -12.71 -3.42
CA ALA B 57 22.07 -11.95 -3.87
C ALA B 57 20.91 -12.90 -4.24
N CYS B 58 21.21 -14.01 -4.94
CA CYS B 58 20.15 -14.95 -5.34
C CYS B 58 19.60 -15.78 -4.19
N VAL B 59 20.34 -15.87 -3.08
CA VAL B 59 19.90 -16.53 -1.86
C VAL B 59 18.89 -15.61 -1.14
N TYR B 60 19.19 -14.30 -1.09
CA TYR B 60 18.39 -13.26 -0.45
C TYR B 60 17.15 -12.76 -1.24
N HIS B 61 17.05 -13.06 -2.56
CA HIS B 61 15.95 -12.56 -3.40
C HIS B 61 15.00 -13.68 -3.89
N LYS B 62 13.81 -13.28 -4.34
CA LYS B 62 12.79 -14.16 -4.90
C LYS B 62 13.28 -14.55 -6.31
N LEU B 63 13.19 -15.84 -6.66
CA LEU B 63 13.65 -16.37 -7.95
C LEU B 63 12.48 -16.91 -8.78
N PHE B 64 12.47 -16.62 -10.08
CA PHE B 64 11.41 -17.11 -10.96
C PHE B 64 11.67 -18.56 -11.32
N ASP B 65 10.66 -19.40 -11.09
CA ASP B 65 10.75 -20.81 -11.44
C ASP B 65 9.78 -21.14 -12.58
N ALA B 66 10.32 -21.25 -13.81
CA ALA B 66 9.53 -21.55 -15.01
C ALA B 66 8.78 -22.89 -14.91
N SER B 67 9.38 -23.88 -14.20
CA SER B 67 8.84 -25.21 -13.97
C SER B 67 7.55 -25.20 -13.12
N ASP B 68 7.19 -24.05 -12.54
CA ASP B 68 5.98 -23.90 -11.76
C ASP B 68 4.90 -23.08 -12.49
N SER B 69 5.20 -22.65 -13.72
CA SER B 69 4.26 -21.86 -14.51
C SER B 69 3.78 -22.58 -15.76
N SER B 70 2.44 -22.73 -15.91
CA SER B 70 1.79 -23.40 -17.03
C SER B 70 1.69 -22.51 -18.27
N SER B 71 1.81 -21.19 -18.10
CA SER B 71 1.75 -20.21 -19.19
C SER B 71 3.14 -19.80 -19.72
N TYR B 72 4.22 -20.32 -19.11
CA TYR B 72 5.59 -20.04 -19.55
C TYR B 72 5.86 -20.54 -20.98
N LYS B 73 6.61 -19.73 -21.75
CA LYS B 73 7.05 -20.08 -23.11
C LYS B 73 8.56 -19.85 -23.18
N HIS B 74 9.32 -20.93 -23.44
CA HIS B 74 10.77 -20.92 -23.53
C HIS B 74 11.30 -20.05 -24.68
N ASN B 75 12.42 -19.37 -24.44
CA ASN B 75 13.13 -18.63 -25.46
C ASN B 75 14.59 -19.02 -25.36
N GLY B 76 15.26 -18.61 -24.29
CA GLY B 76 16.63 -19.01 -24.02
C GLY B 76 17.75 -18.13 -24.55
N THR B 77 17.42 -17.06 -25.32
CA THR B 77 18.44 -16.14 -25.85
C THR B 77 19.19 -15.45 -24.70
N GLU B 78 20.54 -15.48 -24.76
CA GLU B 78 21.43 -14.84 -23.79
C GLU B 78 21.10 -13.35 -23.71
N LEU B 79 21.16 -12.80 -22.50
CA LEU B 79 20.87 -11.40 -22.24
C LEU B 79 21.89 -10.85 -21.29
N THR B 80 22.54 -9.75 -21.68
CA THR B 80 23.50 -9.03 -20.83
C THR B 80 23.01 -7.59 -20.67
N LEU B 81 22.90 -7.12 -19.43
CA LEU B 81 22.45 -5.76 -19.13
C LEU B 81 23.55 -5.02 -18.43
N ARG B 82 24.20 -4.10 -19.17
CA ARG B 82 25.28 -3.30 -18.63
C ARG B 82 24.71 -1.96 -18.19
N TYR B 83 24.67 -1.73 -16.88
CA TYR B 83 24.11 -0.51 -16.32
C TYR B 83 25.19 0.30 -15.66
N SER B 84 24.87 1.55 -15.26
CA SER B 84 25.75 2.45 -14.52
C SER B 84 26.15 1.83 -13.18
N THR B 85 25.23 1.03 -12.58
CA THR B 85 25.47 0.38 -11.29
C THR B 85 26.25 -0.94 -11.43
N GLY B 86 26.35 -1.45 -12.64
CA GLY B 86 27.03 -2.71 -12.91
C GLY B 86 26.31 -3.55 -13.94
N THR B 87 26.82 -4.77 -14.16
CA THR B 87 26.26 -5.71 -15.13
C THR B 87 25.49 -6.82 -14.44
N VAL B 88 24.51 -7.33 -15.16
CA VAL B 88 23.65 -8.43 -14.79
C VAL B 88 23.44 -9.19 -16.09
N SER B 89 23.37 -10.52 -16.01
CA SER B 89 23.17 -11.34 -17.21
C SER B 89 22.34 -12.55 -16.92
N GLY B 90 21.70 -13.06 -17.97
CA GLY B 90 20.84 -14.22 -17.90
C GLY B 90 20.31 -14.56 -19.27
N PHE B 91 19.04 -14.97 -19.36
CA PHE B 91 18.41 -15.35 -20.64
C PHE B 91 16.95 -14.91 -20.72
N LEU B 92 16.43 -14.82 -21.95
CA LEU B 92 15.06 -14.44 -22.28
C LEU B 92 14.04 -15.57 -22.05
N SER B 93 12.85 -15.22 -21.52
CA SER B 93 11.71 -16.09 -21.26
C SER B 93 10.44 -15.28 -21.50
N GLN B 94 9.34 -15.95 -21.81
CA GLN B 94 8.06 -15.29 -22.01
C GLN B 94 7.05 -15.89 -21.04
N ASP B 95 6.21 -15.04 -20.45
CA ASP B 95 5.12 -15.45 -19.56
C ASP B 95 4.12 -14.31 -19.39
N ILE B 96 3.01 -14.57 -18.70
CA ILE B 96 2.00 -13.58 -18.39
C ILE B 96 2.47 -12.79 -17.17
N ILE B 97 2.46 -11.46 -17.26
CA ILE B 97 2.83 -10.55 -16.17
C ILE B 97 1.60 -9.75 -15.80
N THR B 98 1.30 -9.68 -14.50
CA THR B 98 0.18 -8.91 -13.97
C THR B 98 0.77 -7.66 -13.28
N VAL B 99 0.33 -6.46 -13.71
CA VAL B 99 0.75 -5.14 -13.21
C VAL B 99 -0.56 -4.44 -12.82
N GLY B 100 -0.80 -4.23 -11.51
CA GLY B 100 -2.05 -3.63 -11.05
C GLY B 100 -3.25 -4.38 -11.60
N GLY B 101 -4.14 -3.76 -12.33
CA GLY B 101 -5.25 -4.57 -12.87
C GLY B 101 -5.08 -5.12 -14.28
N ILE B 102 -3.84 -5.20 -14.76
CA ILE B 102 -3.56 -5.53 -16.17
C ILE B 102 -2.77 -6.82 -16.33
N THR B 103 -3.17 -7.67 -17.27
CA THR B 103 -2.46 -8.89 -17.61
C THR B 103 -1.87 -8.71 -18.99
N VAL B 104 -0.55 -8.93 -19.12
CA VAL B 104 0.16 -8.77 -20.38
C VAL B 104 1.15 -9.90 -20.62
N THR B 105 1.17 -10.47 -21.85
CA THR B 105 2.11 -11.50 -22.25
C THR B 105 3.41 -10.77 -22.52
N GLN B 106 4.47 -11.10 -21.77
CA GLN B 106 5.69 -10.33 -21.90
C GLN B 106 6.95 -11.16 -21.99
N MET B 107 7.90 -10.69 -22.81
CA MET B 107 9.23 -11.27 -22.91
C MET B 107 10.10 -10.54 -21.88
N PHE B 108 10.73 -11.31 -20.99
CA PHE B 108 11.53 -10.76 -19.91
C PHE B 108 12.83 -11.54 -19.73
N GLY B 109 13.75 -10.98 -18.95
CA GLY B 109 15.01 -11.62 -18.64
C GLY B 109 14.95 -12.38 -17.33
N GLU B 110 15.49 -13.60 -17.36
CA GLU B 110 15.66 -14.48 -16.21
C GLU B 110 17.14 -14.32 -15.90
N VAL B 111 17.47 -13.75 -14.76
CA VAL B 111 18.84 -13.40 -14.41
C VAL B 111 19.50 -14.49 -13.55
N THR B 112 20.65 -15.00 -14.05
CA THR B 112 21.47 -16.04 -13.42
C THR B 112 22.76 -15.50 -12.79
N GLU B 113 23.20 -14.28 -13.20
CA GLU B 113 24.40 -13.61 -12.66
C GLU B 113 24.03 -12.28 -11.99
N MET B 114 24.15 -12.23 -10.66
CA MET B 114 23.76 -11.09 -9.84
C MET B 114 24.85 -10.66 -8.84
N PRO B 115 25.73 -9.71 -9.24
CA PRO B 115 26.79 -9.26 -8.32
C PRO B 115 26.30 -8.74 -6.97
N ALA B 116 27.00 -9.09 -5.86
CA ALA B 116 26.72 -8.66 -4.49
C ALA B 116 26.67 -7.12 -4.43
N LEU B 117 27.54 -6.45 -5.19
CA LEU B 117 27.52 -5.01 -5.34
C LEU B 117 26.96 -4.74 -6.73
N PRO B 118 25.75 -4.17 -6.86
CA PRO B 118 24.91 -3.57 -5.80
C PRO B 118 23.71 -4.39 -5.30
N PHE B 119 23.47 -5.60 -5.82
CA PHE B 119 22.23 -6.31 -5.55
C PHE B 119 22.05 -6.86 -4.13
N MET B 120 23.08 -6.90 -3.29
CA MET B 120 22.90 -7.30 -1.90
C MET B 120 22.34 -6.10 -1.10
N LEU B 121 22.42 -4.89 -1.69
CA LEU B 121 21.90 -3.65 -1.11
C LEU B 121 20.47 -3.40 -1.54
N ALA B 122 20.04 -4.05 -2.64
CA ALA B 122 18.71 -3.95 -3.23
C ALA B 122 17.64 -4.70 -2.43
N GLU B 123 16.60 -3.98 -1.96
CA GLU B 123 15.46 -4.56 -1.25
C GLU B 123 14.49 -5.19 -2.25
N PHE B 124 14.58 -4.75 -3.50
CA PHE B 124 13.73 -5.23 -4.59
C PHE B 124 14.39 -6.44 -5.21
N ASP B 125 13.66 -7.23 -6.01
CA ASP B 125 14.17 -8.40 -6.73
C ASP B 125 14.61 -8.09 -8.13
N GLY B 126 13.78 -7.35 -8.86
CA GLY B 126 14.05 -7.07 -10.27
C GLY B 126 13.67 -5.70 -10.75
N VAL B 127 13.59 -5.54 -12.07
CA VAL B 127 13.36 -4.26 -12.72
C VAL B 127 12.30 -4.34 -13.81
N VAL B 128 11.44 -3.32 -13.85
CA VAL B 128 10.48 -3.15 -14.93
C VAL B 128 10.91 -1.86 -15.68
N GLY B 129 11.59 -2.06 -16.81
CA GLY B 129 12.05 -0.96 -17.66
C GLY B 129 10.88 -0.22 -18.27
N MET B 130 10.81 1.10 -17.97
CA MET B 130 9.75 2.01 -18.44
C MET B 130 10.26 2.89 -19.59
N GLY B 131 11.50 2.65 -20.03
CA GLY B 131 12.14 3.34 -21.14
C GLY B 131 11.62 2.87 -22.49
N PHE B 132 12.14 3.47 -23.58
CA PHE B 132 11.69 3.17 -24.94
C PHE B 132 12.34 1.94 -25.57
N ILE B 133 11.69 1.36 -26.62
CA ILE B 133 12.16 0.20 -27.38
C ILE B 133 13.57 0.45 -27.97
N GLU B 134 13.88 1.72 -28.34
CA GLU B 134 15.18 2.15 -28.87
C GLU B 134 16.34 1.76 -27.97
N GLN B 135 16.14 1.76 -26.64
CA GLN B 135 17.20 1.41 -25.68
C GLN B 135 17.04 -0.02 -25.12
N ALA B 136 16.07 -0.81 -25.62
CA ALA B 136 15.83 -2.18 -25.15
C ALA B 136 16.89 -3.14 -25.68
N ILE B 137 17.58 -3.86 -24.78
CA ILE B 137 18.62 -4.83 -25.13
C ILE B 137 17.93 -6.06 -25.73
N GLY B 138 18.47 -6.53 -26.85
CA GLY B 138 17.93 -7.67 -27.60
C GLY B 138 16.67 -7.32 -28.38
N ARG B 139 16.39 -6.00 -28.54
CA ARG B 139 15.22 -5.44 -29.23
C ARG B 139 13.88 -6.02 -28.71
N VAL B 140 13.81 -6.31 -27.39
CA VAL B 140 12.62 -6.87 -26.77
C VAL B 140 11.57 -5.75 -26.60
N THR B 141 10.32 -6.00 -27.03
CA THR B 141 9.25 -5.01 -26.87
C THR B 141 9.02 -4.71 -25.38
N PRO B 142 9.19 -3.43 -24.93
CA PRO B 142 8.99 -3.11 -23.51
C PRO B 142 7.55 -3.32 -23.04
N ILE B 143 7.36 -3.54 -21.74
CA ILE B 143 6.05 -3.83 -21.16
C ILE B 143 4.99 -2.74 -21.44
N PHE B 144 5.35 -1.44 -21.37
CA PHE B 144 4.35 -0.37 -21.59
C PHE B 144 3.84 -0.38 -23.03
N ASP B 145 4.73 -0.70 -24.00
CA ASP B 145 4.36 -0.82 -25.41
C ASP B 145 3.34 -1.96 -25.61
N ASN B 146 3.54 -3.10 -24.91
CA ASN B 146 2.61 -4.23 -24.98
C ASN B 146 1.26 -3.90 -24.32
N ILE B 147 1.29 -3.12 -23.21
CA ILE B 147 0.06 -2.70 -22.53
C ILE B 147 -0.72 -1.74 -23.45
N ILE B 148 0.00 -0.79 -24.09
CA ILE B 148 -0.59 0.16 -25.04
C ILE B 148 -1.32 -0.58 -26.19
N SER B 149 -0.65 -1.63 -26.76
CA SER B 149 -1.21 -2.47 -27.84
C SER B 149 -2.58 -3.05 -27.51
N GLN B 150 -2.91 -3.22 -26.21
CA GLN B 150 -4.19 -3.75 -25.75
C GLN B 150 -5.32 -2.73 -25.90
N GLY B 151 -4.96 -1.45 -26.03
CA GLY B 151 -5.92 -0.37 -26.19
C GLY B 151 -6.93 -0.25 -25.06
N VAL B 152 -6.46 -0.48 -23.81
CA VAL B 152 -7.35 -0.40 -22.62
C VAL B 152 -7.13 0.89 -21.80
N LEU B 153 -5.94 1.49 -21.92
CA LEU B 153 -5.53 2.69 -21.18
C LEU B 153 -6.13 3.98 -21.74
N LYS B 154 -6.62 4.85 -20.84
CA LYS B 154 -7.25 6.13 -21.18
C LYS B 154 -6.29 7.02 -21.99
N GLU B 155 -5.01 7.06 -21.58
CA GLU B 155 -3.98 7.86 -22.25
C GLU B 155 -2.69 7.09 -22.37
N ASP B 156 -1.90 7.45 -23.39
CA ASP B 156 -0.58 6.86 -23.64
C ASP B 156 0.48 7.55 -22.74
N VAL B 157 0.24 7.48 -21.43
CA VAL B 157 1.09 8.10 -20.42
C VAL B 157 1.18 7.20 -19.17
N PHE B 158 2.16 7.47 -18.31
CA PHE B 158 2.27 6.82 -17.01
C PHE B 158 2.87 7.84 -16.06
N SER B 159 2.51 7.77 -14.76
CA SER B 159 2.94 8.77 -13.77
C SER B 159 3.51 8.21 -12.49
N PHE B 160 4.41 8.98 -11.87
CA PHE B 160 5.10 8.60 -10.64
C PHE B 160 4.89 9.55 -9.54
N TYR B 161 4.58 9.02 -8.37
CA TYR B 161 4.49 9.75 -7.12
C TYR B 161 5.46 9.02 -6.18
N TYR B 162 6.43 9.73 -5.61
CA TYR B 162 7.38 9.20 -4.65
C TYR B 162 7.20 9.99 -3.37
N ASN B 163 6.82 9.34 -2.27
CA ASN B 163 6.65 10.01 -0.98
C ASN B 163 7.98 10.15 -0.22
N ARG B 164 8.01 11.06 0.77
CA ARG B 164 9.10 11.27 1.72
C ARG B 164 8.98 10.12 2.76
N ASP B 165 10.09 9.53 3.19
CA ASP B 165 10.01 8.43 4.18
C ASP B 165 9.71 9.01 5.57
N SER B 166 8.68 8.43 6.24
CA SER B 166 8.24 8.83 7.58
C SER B 166 7.75 7.64 8.39
N SER B 169 5.08 6.73 10.69
CA SER B 169 3.77 6.43 10.10
C SER B 169 3.86 5.24 9.13
N GLN B 170 2.67 4.73 8.70
CA GLN B 170 2.56 3.60 7.77
C GLN B 170 2.07 4.09 6.39
N SER B 171 2.43 5.36 6.07
CA SER B 171 2.11 6.08 4.84
C SER B 171 2.49 5.38 3.55
N LEU B 172 1.79 5.77 2.47
CA LEU B 172 2.04 5.30 1.13
C LEU B 172 3.51 5.65 0.79
N GLY B 173 4.25 4.65 0.33
CA GLY B 173 5.64 4.85 -0.07
C GLY B 173 5.73 5.60 -1.40
N GLY B 174 4.79 5.34 -2.28
CA GLY B 174 4.72 5.96 -3.59
C GLY B 174 3.65 5.28 -4.44
N GLN B 175 3.50 5.73 -5.68
CA GLN B 175 2.48 5.16 -6.57
C GLN B 175 2.82 5.44 -8.03
N ILE B 176 2.63 4.44 -8.87
CA ILE B 176 2.75 4.57 -10.32
C ILE B 176 1.37 4.41 -10.89
N VAL B 177 0.98 5.29 -11.84
CA VAL B 177 -0.33 5.16 -12.51
C VAL B 177 -0.04 4.89 -13.97
N LEU B 178 -0.61 3.83 -14.53
CA LEU B 178 -0.50 3.53 -15.96
C LEU B 178 -1.76 4.04 -16.62
N GLY B 179 -1.62 4.88 -17.64
CA GLY B 179 -2.77 5.42 -18.36
C GLY B 179 -3.27 6.77 -17.91
N GLY B 180 -2.60 7.38 -16.93
CA GLY B 180 -2.99 8.69 -16.43
C GLY B 180 -2.13 9.17 -15.29
N SER B 181 -2.71 10.03 -14.45
CA SER B 181 -2.10 10.65 -13.28
C SER B 181 -3.12 10.68 -12.18
N ASP B 182 -2.68 10.71 -10.93
CA ASP B 182 -3.57 10.73 -9.76
C ASP B 182 -3.58 12.15 -9.11
N PRO B 183 -4.70 12.92 -9.30
CA PRO B 183 -4.75 14.29 -8.73
C PRO B 183 -4.60 14.38 -7.22
N GLN B 184 -4.79 13.27 -6.47
CA GLN B 184 -4.59 13.27 -5.01
C GLN B 184 -3.13 13.48 -4.62
N HIS B 185 -2.18 13.21 -5.54
CA HIS B 185 -0.75 13.31 -5.24
C HIS B 185 -0.02 14.50 -5.87
N TYR B 186 -0.77 15.42 -6.45
CA TYR B 186 -0.17 16.64 -6.98
C TYR B 186 -1.13 17.82 -6.88
N GLU B 187 -0.59 19.01 -6.97
CA GLU B 187 -1.46 20.19 -6.96
C GLU B 187 -1.12 21.11 -8.08
N GLY B 188 -2.10 21.92 -8.46
CA GLY B 188 -1.93 22.84 -9.57
C GLY B 188 -1.97 22.07 -10.87
N ASN B 189 -1.33 22.61 -11.92
CA ASN B 189 -1.34 21.93 -13.21
C ASN B 189 0.03 21.55 -13.66
N PHE B 190 0.07 20.55 -14.54
CA PHE B 190 1.32 20.10 -15.15
C PHE B 190 1.82 21.14 -16.12
N HIS B 191 3.13 21.27 -16.19
CA HIS B 191 3.85 22.04 -17.20
C HIS B 191 4.78 20.98 -17.77
N TYR B 192 4.85 20.93 -19.12
CA TYR B 192 5.60 19.94 -19.87
C TYR B 192 6.84 20.46 -20.56
N ILE B 193 7.84 19.57 -20.70
CA ILE B 193 9.11 19.83 -21.38
C ILE B 193 9.23 18.70 -22.41
N ASN B 194 9.46 19.06 -23.69
CA ASN B 194 9.56 18.06 -24.74
C ASN B 194 10.86 17.31 -24.66
N LEU B 195 10.86 16.05 -25.12
CA LEU B 195 12.08 15.25 -25.12
C LEU B 195 13.01 15.81 -26.21
N ILE B 196 14.33 15.73 -26.00
CA ILE B 196 15.32 16.10 -27.01
C ILE B 196 14.97 15.27 -28.28
N LYS B 197 14.74 13.97 -28.08
CA LYS B 197 14.38 13.00 -29.11
C LYS B 197 13.64 11.83 -28.48
N THR B 198 12.80 11.15 -29.28
CA THR B 198 12.11 9.93 -28.85
C THR B 198 13.19 8.84 -28.60
N GLY B 199 12.89 7.91 -27.72
CA GLY B 199 13.85 6.86 -27.41
C GLY B 199 14.53 6.96 -26.06
N VAL B 200 14.60 8.19 -25.48
CA VAL B 200 15.24 8.45 -24.17
C VAL B 200 14.37 9.45 -23.38
N TRP B 201 14.13 9.20 -22.07
CA TRP B 201 13.37 10.13 -21.21
C TRP B 201 14.35 11.20 -20.73
N GLN B 202 14.81 12.00 -21.70
CA GLN B 202 15.82 13.03 -21.47
C GLN B 202 15.36 14.35 -22.05
N ILE B 203 15.58 15.42 -21.32
CA ILE B 203 15.17 16.76 -21.72
C ILE B 203 16.34 17.72 -21.67
N GLN B 204 16.17 18.88 -22.31
CA GLN B 204 17.14 19.96 -22.30
C GLN B 204 17.02 20.71 -20.97
N MET B 205 18.16 21.06 -20.37
CA MET B 205 18.19 21.87 -19.17
C MET B 205 18.94 23.17 -19.52
N LYS B 206 18.34 24.33 -19.19
CA LYS B 206 18.85 25.66 -19.52
C LYS B 206 19.79 26.27 -18.50
N GLY B 207 19.89 25.66 -17.32
CA GLY B 207 20.78 26.11 -16.25
C GLY B 207 20.44 25.52 -14.89
N VAL B 208 21.43 25.52 -13.98
CA VAL B 208 21.28 25.07 -12.59
C VAL B 208 21.72 26.24 -11.69
N SER B 209 20.79 26.76 -10.87
CA SER B 209 21.05 27.88 -9.97
C SER B 209 21.22 27.41 -8.52
N VAL B 210 22.24 27.96 -7.85
CA VAL B 210 22.51 27.73 -6.45
C VAL B 210 22.31 29.11 -5.80
N GLY B 211 21.25 29.24 -5.04
CA GLY B 211 20.89 30.51 -4.42
C GLY B 211 20.22 31.43 -5.42
N SER B 212 20.71 32.67 -5.57
CA SER B 212 20.16 33.66 -6.48
C SER B 212 20.75 33.59 -7.91
N SER B 213 22.07 33.44 -8.02
CA SER B 213 22.83 33.33 -9.28
C SER B 213 22.75 31.90 -9.87
N THR B 214 22.94 31.76 -11.21
CA THR B 214 22.95 30.46 -11.88
C THR B 214 24.31 29.76 -11.53
N LEU B 215 25.33 29.95 -12.34
CA LEU B 215 26.63 29.37 -12.05
C LEU B 215 26.88 28.01 -12.64
N LEU B 216 25.83 27.22 -12.88
CA LEU B 216 26.03 25.90 -13.49
C LEU B 216 25.16 25.69 -14.71
N CYS B 217 25.64 24.86 -15.66
CA CYS B 217 24.88 24.52 -16.88
C CYS B 217 24.47 25.84 -17.62
N GLU B 218 25.35 26.87 -17.53
CA GLU B 218 25.19 28.20 -18.11
C GLU B 218 24.88 28.19 -19.62
N ASP B 219 25.51 27.27 -20.37
CA ASP B 219 25.29 27.17 -21.82
C ASP B 219 24.36 26.00 -22.21
N GLY B 220 23.61 25.47 -21.24
CA GLY B 220 22.70 24.36 -21.45
C GLY B 220 23.35 23.01 -21.26
N CYS B 221 22.54 22.03 -20.85
CA CYS B 221 22.99 20.65 -20.59
C CYS B 221 21.80 19.69 -20.71
N LEU B 222 22.04 18.41 -20.49
CA LEU B 222 20.99 17.41 -20.58
C LEU B 222 20.51 16.94 -19.20
N ALA B 223 19.24 16.51 -19.13
CA ALA B 223 18.65 15.99 -17.90
C ALA B 223 17.84 14.73 -18.19
N LEU B 224 18.36 13.60 -17.72
CA LEU B 224 17.69 12.30 -17.82
C LEU B 224 16.71 12.22 -16.61
N VAL B 225 15.41 11.98 -16.84
CA VAL B 225 14.44 11.89 -15.73
C VAL B 225 14.33 10.40 -15.39
N ASP B 226 15.08 9.99 -14.36
CA ASP B 226 15.29 8.58 -14.03
C ASP B 226 14.66 8.12 -12.73
N THR B 227 13.53 7.42 -12.84
CA THR B 227 12.80 6.89 -11.68
C THR B 227 13.55 5.77 -10.94
N GLY B 228 14.50 5.12 -11.64
CA GLY B 228 15.36 4.07 -11.09
C GLY B 228 16.61 4.56 -10.39
N ALA B 229 16.87 5.90 -10.36
CA ALA B 229 18.03 6.47 -9.68
C ALA B 229 17.57 7.02 -8.32
N SER B 230 18.42 6.91 -7.29
CA SER B 230 18.08 7.40 -5.95
C SER B 230 18.22 8.92 -5.84
N TYR B 231 19.33 9.48 -6.32
CA TYR B 231 19.63 10.88 -6.17
C TYR B 231 19.60 11.65 -7.46
N ILE B 232 19.78 12.96 -7.34
CA ILE B 232 20.00 13.84 -8.47
C ILE B 232 21.51 13.68 -8.72
N SER B 233 21.89 13.47 -9.96
CA SER B 233 23.29 13.37 -10.26
C SER B 233 23.69 14.35 -11.33
N GLY B 234 24.93 14.79 -11.24
CA GLY B 234 25.59 15.66 -12.21
C GLY B 234 26.96 15.05 -12.49
N SER B 235 27.70 15.62 -13.45
CA SER B 235 29.06 15.15 -13.77
C SER B 235 29.95 15.44 -12.55
N THR B 236 31.09 14.75 -12.42
CA THR B 236 32.03 14.98 -11.29
C THR B 236 32.41 16.46 -11.19
N SER B 237 32.71 17.11 -12.34
CA SER B 237 33.08 18.52 -12.36
C SER B 237 31.96 19.43 -11.90
N SER B 238 30.72 19.23 -12.41
CA SER B 238 29.56 20.06 -12.00
C SER B 238 29.28 19.94 -10.50
N ILE B 239 29.35 18.71 -9.95
CA ILE B 239 29.07 18.43 -8.54
C ILE B 239 30.13 19.04 -7.62
N GLU B 240 31.42 19.03 -8.03
CA GLU B 240 32.48 19.68 -7.26
C GLU B 240 32.18 21.19 -7.08
N LYS B 241 31.74 21.86 -8.17
CA LYS B 241 31.37 23.30 -8.14
C LYS B 241 30.12 23.51 -7.31
N LEU B 242 29.08 22.66 -7.49
CA LEU B 242 27.83 22.72 -6.74
C LEU B 242 28.11 22.61 -5.23
N MET B 243 28.89 21.61 -4.84
CA MET B 243 29.19 21.34 -3.41
C MET B 243 30.04 22.42 -2.74
N GLU B 244 30.97 23.01 -3.50
CA GLU B 244 31.82 24.11 -3.05
C GLU B 244 30.91 25.31 -2.75
N ALA B 245 29.94 25.58 -3.64
CA ALA B 245 28.97 26.65 -3.47
C ALA B 245 28.10 26.45 -2.21
N LEU B 246 27.79 25.17 -1.86
CA LEU B 246 27.00 24.83 -0.68
C LEU B 246 27.80 24.82 0.62
N GLY B 247 29.12 24.68 0.53
CA GLY B 247 29.96 24.56 1.71
C GLY B 247 29.98 23.13 2.22
N ALA B 248 29.64 22.16 1.33
CA ALA B 248 29.64 20.73 1.63
C ALA B 248 31.01 20.14 1.38
N LYS B 249 31.43 19.23 2.25
CA LYS B 249 32.74 18.58 2.14
C LYS B 249 32.58 17.10 1.86
N LYS B 250 33.50 16.51 1.11
CA LYS B 250 33.46 15.08 0.85
C LYS B 250 34.03 14.40 2.08
N ARG B 251 33.18 13.65 2.81
CA ARG B 251 33.55 12.92 4.01
C ARG B 251 34.60 11.87 3.60
N LEU B 252 34.16 10.66 3.26
CA LEU B 252 35.05 9.61 2.80
C LEU B 252 34.48 9.11 1.51
N PHE B 253 33.22 8.71 1.53
CA PHE B 253 32.51 8.21 0.37
C PHE B 253 31.61 9.26 -0.27
N ASP B 254 30.92 10.10 0.55
CA ASP B 254 29.94 11.09 0.06
C ASP B 254 30.16 12.52 0.61
N TYR B 255 29.37 13.48 0.10
CA TYR B 255 29.36 14.88 0.54
C TYR B 255 28.42 15.04 1.74
N VAL B 256 28.84 15.84 2.72
CA VAL B 256 28.11 16.11 3.97
C VAL B 256 28.19 17.59 4.34
N VAL B 257 27.28 18.01 5.24
CA VAL B 257 27.24 19.31 5.89
C VAL B 257 26.98 19.02 7.37
N LYS B 258 27.30 19.96 8.27
CA LYS B 258 26.98 19.82 9.71
C LYS B 258 25.45 19.87 9.74
N CYS B 259 24.79 18.91 10.44
CA CYS B 259 23.32 18.77 10.44
C CYS B 259 22.57 20.09 10.74
N ASN B 260 23.06 20.86 11.74
CA ASN B 260 22.48 22.15 12.10
C ASN B 260 22.58 23.15 10.96
N GLU B 261 23.60 23.03 10.09
CA GLU B 261 23.79 23.97 8.96
C GLU B 261 22.89 23.69 7.76
N GLY B 262 22.32 22.49 7.65
CA GLY B 262 21.38 22.15 6.59
C GLY B 262 20.31 23.21 6.32
N PRO B 263 19.52 23.65 7.34
CA PRO B 263 18.49 24.70 7.11
C PRO B 263 18.99 26.09 6.64
N THR B 264 20.32 26.29 6.52
CA THR B 264 20.96 27.55 6.10
C THR B 264 21.42 27.47 4.65
N LEU B 265 21.41 26.26 4.08
CA LEU B 265 21.84 26.03 2.71
C LEU B 265 20.86 26.68 1.71
N PRO B 266 21.37 27.17 0.58
CA PRO B 266 20.47 27.84 -0.36
C PRO B 266 19.65 26.88 -1.20
N ASP B 267 18.61 27.42 -1.86
CA ASP B 267 17.76 26.69 -2.79
C ASP B 267 18.56 26.33 -4.02
N ILE B 268 18.21 25.19 -4.63
CA ILE B 268 18.83 24.75 -5.88
C ILE B 268 17.70 24.72 -6.91
N SER B 269 17.92 25.38 -8.06
CA SER B 269 16.90 25.50 -9.08
C SER B 269 17.35 24.90 -10.39
N PHE B 270 16.46 24.15 -11.02
CA PHE B 270 16.70 23.49 -12.30
C PHE B 270 15.78 24.17 -13.32
N HIS B 271 16.37 24.81 -14.33
CA HIS B 271 15.59 25.52 -15.35
C HIS B 271 15.24 24.55 -16.48
N LEU B 272 13.96 24.18 -16.54
CA LEU B 272 13.42 23.22 -17.53
C LEU B 272 12.15 23.81 -18.18
N GLY B 273 12.15 23.89 -19.51
CA GLY B 273 11.01 24.42 -20.26
C GLY B 273 10.57 25.82 -19.87
N GLY B 274 11.52 26.72 -19.71
CA GLY B 274 11.20 28.11 -19.36
C GLY B 274 10.76 28.35 -17.93
N LYS B 275 10.57 27.25 -17.14
CA LYS B 275 10.15 27.26 -15.73
C LYS B 275 11.30 26.80 -14.81
N GLU B 276 11.28 27.26 -13.56
CA GLU B 276 12.31 26.97 -12.57
C GLU B 276 11.77 25.97 -11.55
N TYR B 277 12.53 24.87 -11.36
CA TYR B 277 12.18 23.77 -10.44
C TYR B 277 13.09 23.85 -9.25
N THR B 278 12.57 24.39 -8.16
CA THR B 278 13.33 24.69 -6.97
C THR B 278 13.19 23.65 -5.88
N LEU B 279 14.34 23.24 -5.35
CA LEU B 279 14.47 22.35 -4.21
C LEU B 279 15.11 23.17 -3.10
N THR B 280 14.48 23.21 -1.92
CA THR B 280 15.03 23.87 -0.75
C THR B 280 15.96 22.86 -0.05
N SER B 281 16.75 23.29 0.94
CA SER B 281 17.67 22.39 1.65
C SER B 281 16.94 21.21 2.31
N ALA B 282 15.69 21.43 2.79
CA ALA B 282 14.87 20.36 3.36
C ALA B 282 14.56 19.27 2.32
N ASP B 283 14.57 19.61 1.02
CA ASP B 283 14.31 18.65 -0.07
C ASP B 283 15.54 17.87 -0.49
N TYR B 284 16.75 18.39 -0.24
CA TYR B 284 17.94 17.65 -0.71
C TYR B 284 18.92 17.29 0.42
N VAL B 285 18.65 17.68 1.67
CA VAL B 285 19.51 17.28 2.79
C VAL B 285 18.79 16.19 3.58
N PHE B 286 19.46 15.08 3.86
CA PHE B 286 18.89 14.04 4.72
C PHE B 286 19.11 14.51 6.14
N GLN B 287 18.14 15.25 6.68
CA GLN B 287 18.19 15.79 8.04
C GLN B 287 17.90 14.70 9.08
N GLU B 288 18.80 13.69 9.17
CA GLU B 288 18.73 12.58 10.14
C GLU B 288 18.74 13.12 11.57
N SER B 289 19.17 14.39 11.76
CA SER B 289 19.21 15.15 13.00
C SER B 289 19.41 16.64 12.64
N TYR B 290 19.44 17.53 13.64
CA TYR B 290 19.73 18.96 13.40
C TYR B 290 20.84 19.37 14.36
N SER B 291 21.58 18.36 14.84
CA SER B 291 22.68 18.52 15.77
C SER B 291 23.88 19.20 15.16
N SER B 292 24.45 20.12 15.93
CA SER B 292 25.69 20.85 15.66
C SER B 292 26.90 19.90 15.89
N LYS B 293 26.63 18.69 16.41
CA LYS B 293 27.62 17.65 16.73
C LYS B 293 27.58 16.49 15.73
N LYS B 294 26.74 16.60 14.67
CA LYS B 294 26.57 15.56 13.67
C LYS B 294 26.66 16.05 12.21
N LEU B 295 27.05 15.14 11.31
CA LEU B 295 27.14 15.38 9.86
C LEU B 295 25.96 14.73 9.14
N CYS B 296 25.38 15.45 8.16
CA CYS B 296 24.20 15.05 7.38
C CYS B 296 24.54 14.94 5.89
N THR B 297 24.13 13.84 5.25
CA THR B 297 24.39 13.57 3.83
C THR B 297 23.41 14.33 2.92
N LEU B 298 23.87 14.63 1.69
CA LEU B 298 23.06 15.31 0.68
C LEU B 298 22.55 14.29 -0.34
N ALA B 299 21.31 14.46 -0.81
CA ALA B 299 20.65 13.58 -1.79
C ALA B 299 20.97 13.96 -3.25
N ILE B 300 22.24 14.41 -3.46
CA ILE B 300 22.86 14.82 -4.73
C ILE B 300 24.29 14.23 -4.72
N HIS B 301 24.71 13.64 -5.85
CA HIS B 301 26.03 13.05 -5.96
C HIS B 301 26.58 13.13 -7.40
N ALA B 302 27.84 12.73 -7.62
CA ALA B 302 28.42 12.72 -8.96
C ALA B 302 28.11 11.40 -9.62
N MET B 303 27.94 11.42 -10.94
CA MET B 303 27.72 10.24 -11.76
C MET B 303 28.07 10.62 -13.18
N ASP B 304 29.15 10.03 -13.72
CA ASP B 304 29.56 10.36 -15.07
C ASP B 304 28.94 9.32 -15.97
N ILE B 305 27.88 9.72 -16.67
CA ILE B 305 27.16 8.80 -17.54
C ILE B 305 27.82 8.85 -18.91
N PRO B 306 28.32 7.70 -19.43
CA PRO B 306 29.03 7.71 -20.72
C PRO B 306 28.12 7.97 -21.92
N PRO B 307 28.70 8.32 -23.11
CA PRO B 307 27.85 8.49 -24.30
C PRO B 307 27.22 7.15 -24.70
N PRO B 308 26.13 7.12 -25.50
CA PRO B 308 25.42 8.24 -26.13
C PRO B 308 24.47 9.02 -25.21
N THR B 309 23.98 8.41 -24.11
CA THR B 309 23.04 9.06 -23.17
C THR B 309 23.70 10.25 -22.46
N GLY B 310 24.89 10.03 -21.90
CA GLY B 310 25.62 11.07 -21.22
C GLY B 310 26.66 11.76 -22.08
N PRO B 311 27.40 12.77 -21.57
CA PRO B 311 27.31 13.38 -20.22
C PRO B 311 25.93 14.00 -20.02
N THR B 312 25.33 13.74 -18.85
CA THR B 312 24.00 14.23 -18.51
C THR B 312 23.81 14.33 -17.01
N TRP B 313 22.89 15.19 -16.60
CA TRP B 313 22.46 15.20 -15.21
C TRP B 313 21.36 14.11 -15.17
N ALA B 314 21.06 13.61 -13.98
CA ALA B 314 19.94 12.66 -13.86
C ALA B 314 19.08 13.15 -12.73
N LEU B 315 17.78 13.31 -13.00
CA LEU B 315 16.84 13.76 -11.98
C LEU B 315 16.15 12.50 -11.46
N GLY B 316 16.68 12.00 -10.35
CA GLY B 316 16.24 10.77 -9.69
C GLY B 316 15.18 11.01 -8.64
N ALA B 317 15.08 10.09 -7.67
CA ALA B 317 14.06 10.16 -6.61
C ALA B 317 14.03 11.48 -5.84
N THR B 318 15.18 12.11 -5.57
CA THR B 318 15.22 13.42 -4.88
C THR B 318 14.36 14.46 -5.61
N PHE B 319 14.44 14.48 -6.94
CA PHE B 319 13.65 15.43 -7.72
C PHE B 319 12.19 15.03 -7.77
N ILE B 320 11.92 13.74 -8.02
CA ILE B 320 10.55 13.21 -8.14
C ILE B 320 9.75 13.38 -6.84
N ARG B 321 10.40 13.31 -5.66
CA ARG B 321 9.70 13.50 -4.38
C ARG B 321 9.08 14.91 -4.35
N LYS B 322 9.77 15.90 -4.92
CA LYS B 322 9.25 17.27 -4.93
C LYS B 322 8.22 17.46 -6.05
N PHE B 323 8.50 16.86 -7.21
CA PHE B 323 7.64 17.03 -8.37
C PHE B 323 7.06 15.75 -8.88
N TYR B 324 5.72 15.61 -8.75
CA TYR B 324 4.94 14.52 -9.32
C TYR B 324 5.24 14.55 -10.83
N THR B 325 5.56 13.38 -11.41
CA THR B 325 6.01 13.29 -12.81
C THR B 325 5.15 12.44 -13.70
N GLU B 326 4.74 13.01 -14.86
CA GLU B 326 3.99 12.33 -15.89
C GLU B 326 4.90 12.12 -17.11
N PHE B 327 5.02 10.87 -17.59
CA PHE B 327 5.85 10.53 -18.74
C PHE B 327 4.87 10.31 -19.88
N ASP B 328 4.87 11.24 -20.84
CA ASP B 328 3.90 11.24 -21.93
C ASP B 328 4.51 10.66 -23.21
N ARG B 329 4.10 9.44 -23.58
CA ARG B 329 4.62 8.79 -24.79
C ARG B 329 3.97 9.35 -26.05
N ARG B 330 2.66 9.64 -26.00
CA ARG B 330 1.93 10.18 -27.14
C ARG B 330 2.59 11.46 -27.70
N ASN B 331 2.99 12.37 -26.80
CA ASN B 331 3.58 13.65 -27.19
C ASN B 331 5.09 13.76 -27.03
N ASN B 332 5.77 12.69 -26.59
CA ASN B 332 7.22 12.70 -26.34
C ASN B 332 7.62 13.86 -25.44
N ARG B 333 7.04 13.87 -24.23
CA ARG B 333 7.28 14.94 -23.27
C ARG B 333 7.14 14.46 -21.84
N ILE B 334 7.62 15.26 -20.89
CA ILE B 334 7.55 14.97 -19.45
C ILE B 334 6.86 16.13 -18.78
N GLY B 335 5.84 15.84 -17.99
CA GLY B 335 5.12 16.84 -17.23
C GLY B 335 5.48 16.82 -15.76
N PHE B 336 5.59 18.00 -15.13
CA PHE B 336 5.88 18.13 -13.71
C PHE B 336 4.82 18.97 -13.03
N ALA B 337 4.42 18.56 -11.83
CA ALA B 337 3.46 19.28 -11.00
C ALA B 337 3.94 19.11 -9.57
N LEU B 338 3.70 20.10 -8.69
CA LEU B 338 4.12 20.04 -7.29
C LEU B 338 3.47 18.85 -6.58
N ALA B 339 4.30 17.92 -6.06
CA ALA B 339 3.77 16.75 -5.35
C ALA B 339 3.17 17.09 -3.99
N ARG B 340 2.14 16.33 -3.58
CA ARG B 340 1.49 16.46 -2.25
C ARG B 340 1.10 15.07 -1.67
C1 NAG C . -37.84 -6.10 23.79
C2 NAG C . -39.19 -6.42 24.44
C3 NAG C . -39.47 -7.89 24.11
C4 NAG C . -39.53 -8.10 22.60
C5 NAG C . -38.25 -7.63 21.94
C6 NAG C . -38.32 -7.61 20.43
C7 NAG C . -39.84 -5.13 26.44
C8 NAG C . -39.91 -5.18 27.94
N2 NAG C . -39.23 -6.19 25.87
O3 NAG C . -40.69 -8.30 24.73
O4 NAG C . -39.75 -9.47 22.31
O5 NAG C . -37.91 -6.30 22.37
O6 NAG C . -38.65 -8.88 19.88
O7 NAG C . -40.30 -4.20 25.79
C1 43T D . -14.96 -7.82 19.26
C2 43T D . -13.80 -8.67 18.80
N3 43T D . -13.54 -8.69 17.45
C4 43T D . -14.41 -8.09 16.54
N5 43T D . -15.29 -7.15 17.02
C6 43T D . -15.28 -6.64 18.37
C7 43T D . -16.73 -6.22 18.62
C8 43T D . -14.28 -5.48 18.55
N9 43T D . -14.44 -8.46 15.31
C10 43T D . -12.41 -9.49 16.98
O11 43T D . -13.12 -9.24 19.64
C12 43T D . -14.33 -4.46 17.40
C13 43T D . -14.43 -4.72 19.86
C14 43T D . -11.06 -8.98 17.36
C15 43T D . -10.79 -7.61 17.46
C16 43T D . -9.52 -7.18 17.81
C17 43T D . -8.52 -8.10 18.04
C18 43T D . -8.80 -9.46 17.97
C19 43T D . -10.07 -9.91 17.63
F20 43T D . -7.80 -10.30 18.22
C21 43T D . -9.14 -5.75 17.88
O22 43T D . -8.08 -5.42 18.40
N23 43T D . -10.02 -4.86 17.30
C24 43T D . -9.74 -3.43 17.37
C25 43T D . -9.95 -2.89 18.77
C26 43T D . -9.18 -1.82 19.20
C27 43T D . -9.36 -1.33 20.47
C28 43T D . -10.29 -1.88 21.34
C29 43T D . -11.05 -2.95 20.92
C30 43T D . -10.87 -3.45 19.65
C31 43T D . -10.67 -2.71 16.42
C1 NAG E . 13.13 -15.65 -28.88
C2 NAG E . 13.20 -16.64 -30.04
C3 NAG E . 13.64 -15.84 -31.27
C4 NAG E . 12.66 -14.71 -31.56
C5 NAG E . 12.48 -13.83 -30.33
C6 NAG E . 11.35 -12.83 -30.47
C7 NAG E . 13.69 -19.01 -29.52
C8 NAG E . 14.77 -20.05 -29.50
N2 NAG E . 14.10 -17.76 -29.81
O3 NAG E . 13.75 -16.69 -32.41
O4 NAG E . 13.13 -13.91 -32.64
O5 NAG E . 12.17 -14.64 -29.18
O6 NAG E . 11.60 -11.90 -31.52
O7 NAG E . 12.52 -19.28 -29.28
C1 43T F . 20.48 0.51 -13.39
C2 43T F . 21.06 1.89 -13.16
N3 43T F . 20.15 2.94 -13.07
C4 43T F . 18.81 2.78 -13.37
N5 43T F . 18.30 1.49 -13.41
C6 43T F . 19.04 0.30 -12.97
C7 43T F . 18.46 -0.83 -13.80
C8 43T F . 18.90 0.06 -11.45
N9 43T F . 18.07 3.80 -13.61
C10 43T F . 20.71 4.27 -12.84
O11 43T F . 22.26 2.03 -13.07
C12 43T F . 19.46 -1.25 -10.93
C13 43T F . 17.50 0.24 -10.88
C14 43T F . 21.28 4.50 -11.48
C15 43T F . 20.75 3.86 -10.36
C16 43T F . 21.27 4.09 -9.11
C17 43T F . 22.31 4.97 -8.96
C18 43T F . 22.85 5.62 -10.06
C19 43T F . 22.34 5.37 -11.32
F20 43T F . 23.86 6.47 -9.84
C21 43T F . 20.77 3.47 -7.88
O22 43T F . 21.54 3.36 -6.94
N23 43T F . 19.45 3.07 -7.87
C24 43T F . 18.87 2.29 -6.79
C25 43T F . 19.54 0.94 -6.55
C26 43T F . 19.63 0.46 -5.26
C27 43T F . 20.22 -0.76 -4.98
C28 43T F . 20.74 -1.51 -6.01
C29 43T F . 20.66 -1.05 -7.31
C30 43T F . 20.06 0.18 -7.57
C31 43T F . 17.38 2.10 -7.00
#